data_3ZP7
#
_entry.id   3ZP7
#
_cell.length_a   50.245
_cell.length_b   51.307
_cell.length_c   70.138
_cell.angle_alpha   97.51
_cell.angle_beta   92.91
_cell.angle_gamma   101.11
#
_symmetry.space_group_name_H-M   'P 1'
#
loop_
_entity.id
_entity.type
_entity.pdbx_description
1 polymer 'CHORISMATE MUTASE AROH'
2 non-polymer 'PREPHENIC ACID'
3 non-polymer '(3R,4R)-3-[(1-carboxyethenyl)oxy]-4-hydroxycyclohexa-1,5-diene-1-carboxylic acid'
4 water water
#
_entity_poly.entity_id   1
_entity_poly.type   'polypeptide(L)'
_entity_poly.pdbx_seq_one_letter_code
;MMIRGIRGATTVERDTEEEILQKTKQLLEKIIEENHTKPEDVVQMLLSATPDLHAVFPAKAVRELSGWQYVPVTCMQEMD
VTGGLKKCI(CIR)VMMTVQTDVPQEQIRHVYLEKAVVLRPDLSLTKNTEL
;
_entity_poly.pdbx_strand_id   A,B,C,D,E,F
#
# COMPACT_ATOMS: atom_id res chain seq x y z
N MET A 1 -0.02 -13.56 40.56
CA MET A 1 -1.09 -12.88 39.85
C MET A 1 -1.46 -13.61 38.57
N MET A 2 -1.87 -12.83 37.57
CA MET A 2 -2.11 -13.35 36.25
C MET A 2 -1.36 -12.45 35.27
N ILE A 3 -1.11 -12.96 34.07
CA ILE A 3 -0.48 -12.18 33.02
C ILE A 3 -1.55 -11.81 32.00
N ARG A 4 -1.62 -10.55 31.61
CA ARG A 4 -2.63 -10.11 30.65
C ARG A 4 -2.08 -9.14 29.61
N GLY A 5 -2.65 -9.20 28.42
CA GLY A 5 -2.27 -8.27 27.36
C GLY A 5 -3.10 -7.01 27.41
N ILE A 6 -2.44 -5.88 27.17
CA ILE A 6 -3.14 -4.60 27.05
C ILE A 6 -2.92 -4.08 25.63
N ARG A 7 -4.01 -3.76 24.94
CA ARG A 7 -3.95 -3.25 23.58
C ARG A 7 -3.98 -1.73 23.49
N GLY A 8 -3.26 -1.20 22.50
CA GLY A 8 -3.38 0.20 22.13
C GLY A 8 -3.30 0.37 20.64
N ALA A 9 -3.92 1.42 20.10
CA ALA A 9 -3.81 1.75 18.68
C ALA A 9 -3.86 3.25 18.49
N THR A 10 -3.10 3.76 17.53
CA THR A 10 -3.17 5.18 17.20
C THR A 10 -2.85 5.35 15.72
N THR A 11 -2.91 6.58 15.22
CA THR A 11 -2.55 6.83 13.82
C THR A 11 -1.65 8.07 13.71
N VAL A 12 -0.92 8.16 12.60
CA VAL A 12 -0.19 9.39 12.28
C VAL A 12 -0.66 9.93 10.91
N GLU A 13 -0.50 11.23 10.71
CA GLU A 13 -0.87 11.82 9.44
C GLU A 13 0.26 11.74 8.42
N ARG A 14 1.50 11.75 8.89
CA ARG A 14 2.66 11.70 8.01
C ARG A 14 3.68 10.66 8.47
N ASP A 15 4.35 10.03 7.51
CA ASP A 15 5.40 9.05 7.81
C ASP A 15 6.70 9.77 8.11
N THR A 16 6.78 10.38 9.29
CA THR A 16 8.00 11.06 9.70
C THR A 16 8.38 10.51 11.06
N GLU A 17 9.67 10.54 11.38
CA GLU A 17 10.13 10.03 12.68
C GLU A 17 9.50 10.81 13.81
N GLU A 18 9.43 12.13 13.65
CA GLU A 18 8.87 13.00 14.67
C GLU A 18 7.44 12.61 15.05
N GLU A 19 6.58 12.43 14.04
CA GLU A 19 5.18 12.14 14.34
C GLU A 19 4.98 10.72 14.83
N ILE A 20 5.70 9.75 14.26
CA ILE A 20 5.57 8.37 14.74
C ILE A 20 5.96 8.27 16.21
N LEU A 21 7.09 8.87 16.58
CA LEU A 21 7.52 8.78 17.97
C LEU A 21 6.62 9.55 18.90
N GLN A 22 6.15 10.73 18.47
CA GLN A 22 5.27 11.52 19.32
C GLN A 22 3.96 10.78 19.59
N LYS A 23 3.35 10.25 18.54
CA LYS A 23 2.05 9.58 18.68
C LYS A 23 2.21 8.25 19.43
N THR A 24 3.32 7.56 19.20
CA THR A 24 3.56 6.31 19.93
C THR A 24 3.77 6.60 21.42
N LYS A 25 4.57 7.63 21.72
CA LYS A 25 4.81 8.00 23.11
C LYS A 25 3.50 8.35 23.80
N GLN A 26 2.67 9.16 23.13
CA GLN A 26 1.38 9.53 23.69
C GLN A 26 0.49 8.33 23.95
N LEU A 27 0.51 7.35 23.06
CA LEU A 27 -0.28 6.13 23.24
C LEU A 27 0.22 5.35 24.45
N LEU A 28 1.53 5.20 24.55
CA LEU A 28 2.10 4.44 25.65
C LEU A 28 1.77 5.11 26.98
N GLU A 29 1.95 6.43 27.03
CA GLU A 29 1.68 7.17 28.25
C GLU A 29 0.22 7.05 28.69
N LYS A 30 -0.69 7.01 27.72
CA LYS A 30 -2.11 6.88 28.04
C LYS A 30 -2.40 5.49 28.61
N ILE A 31 -1.81 4.48 28.00
CA ILE A 31 -1.96 3.11 28.48
C ILE A 31 -1.42 2.99 29.90
N ILE A 32 -0.24 3.57 30.13
CA ILE A 32 0.40 3.47 31.44
C ILE A 32 -0.44 4.16 32.50
N GLU A 33 -0.99 5.31 32.13
CA GLU A 33 -1.84 6.10 33.03
C GLU A 33 -3.13 5.34 33.39
N GLU A 34 -3.79 4.77 32.40
CA GLU A 34 -5.09 4.14 32.62
C GLU A 34 -4.97 2.80 33.34
N ASN A 35 -3.83 2.13 33.19
CA ASN A 35 -3.63 0.82 33.81
C ASN A 35 -2.64 0.82 34.99
N HIS A 36 -2.17 2.00 35.35
CA HIS A 36 -1.25 2.16 36.47
C HIS A 36 0.00 1.28 36.36
N THR A 37 0.47 1.09 35.13
CA THR A 37 1.53 0.14 34.86
C THR A 37 2.91 0.60 35.30
N LYS A 38 3.64 -0.28 35.98
CA LYS A 38 5.05 -0.04 36.30
C LYS A 38 5.90 -0.87 35.35
N PRO A 39 7.04 -0.32 34.89
CA PRO A 39 7.83 -1.05 33.89
C PRO A 39 8.29 -2.44 34.33
N GLU A 40 8.60 -2.62 35.61
CA GLU A 40 9.10 -3.92 36.05
C GLU A 40 8.02 -5.00 35.92
N ASP A 41 6.76 -4.60 35.81
CA ASP A 41 5.70 -5.58 35.65
C ASP A 41 5.34 -5.90 34.21
N VAL A 42 6.08 -5.30 33.28
CA VAL A 42 5.87 -5.58 31.87
C VAL A 42 6.73 -6.77 31.44
N VAL A 43 6.07 -7.85 31.04
CA VAL A 43 6.75 -9.03 30.54
C VAL A 43 7.51 -8.70 29.25
N GLN A 44 6.80 -8.06 28.32
CA GLN A 44 7.36 -7.68 27.03
C GLN A 44 6.35 -6.83 26.30
N MET A 45 6.75 -6.21 25.19
CA MET A 45 5.82 -5.43 24.36
CA MET A 45 5.81 -5.44 24.38
C MET A 45 6.04 -5.69 22.90
N LEU A 46 4.96 -5.68 22.13
CA LEU A 46 5.06 -5.80 20.68
C LEU A 46 4.42 -4.55 20.08
N LEU A 47 5.10 -3.93 19.12
CA LEU A 47 4.51 -2.80 18.42
C LEU A 47 4.45 -3.13 16.96
N SER A 48 3.37 -2.74 16.30
CA SER A 48 3.24 -2.97 14.86
C SER A 48 2.92 -1.69 14.12
N ALA A 49 3.25 -1.67 12.84
CA ALA A 49 2.87 -0.58 11.97
C ALA A 49 2.38 -1.12 10.65
N THR A 50 1.42 -0.41 10.06
CA THR A 50 0.97 -0.74 8.72
C THR A 50 2.14 -0.52 7.75
N PRO A 51 2.08 -1.15 6.57
CA PRO A 51 3.22 -1.13 5.65
C PRO A 51 3.46 0.20 4.94
N ASP A 52 2.73 1.24 5.33
CA ASP A 52 2.92 2.57 4.77
C ASP A 52 3.75 3.46 5.69
N LEU A 53 4.29 2.89 6.75
CA LEU A 53 5.14 3.64 7.68
C LEU A 53 6.56 3.06 7.69
N HIS A 54 7.54 3.91 7.37
CA HIS A 54 8.93 3.47 7.23
C HIS A 54 9.94 4.36 7.92
N ALA A 55 9.51 5.48 8.48
CA ALA A 55 10.48 6.49 8.92
C ALA A 55 11.32 6.06 10.13
N VAL A 56 10.71 5.29 11.03
CA VAL A 56 11.34 4.90 12.28
C VAL A 56 10.60 3.71 12.91
N PHE A 57 11.30 2.91 13.71
CA PHE A 57 10.65 1.88 14.51
C PHE A 57 9.90 2.52 15.67
N PRO A 58 8.60 2.21 15.84
CA PRO A 58 7.88 2.86 16.92
C PRO A 58 8.47 2.53 18.29
N ALA A 59 9.13 1.37 18.41
CA ALA A 59 9.75 0.97 19.67
C ALA A 59 10.76 1.99 20.21
N LYS A 60 11.30 2.82 19.32
CA LYS A 60 12.25 3.85 19.72
C LYS A 60 11.62 4.81 20.74
N ALA A 61 10.30 4.98 20.66
CA ALA A 61 9.59 5.83 21.61
C ALA A 61 9.64 5.28 23.04
N VAL A 62 9.82 3.98 23.19
CA VAL A 62 9.81 3.38 24.53
C VAL A 62 10.97 3.90 25.36
N ARG A 63 12.09 4.17 24.69
CA ARG A 63 13.28 4.64 25.39
C ARG A 63 13.13 6.08 25.88
N GLU A 64 12.09 6.77 25.40
CA GLU A 64 11.78 8.13 25.84
C GLU A 64 11.07 8.13 27.19
N LEU A 65 10.73 6.95 27.69
CA LEU A 65 10.05 6.80 28.97
C LEU A 65 11.03 6.45 30.08
N SER A 66 11.14 7.34 31.07
CA SER A 66 12.02 7.07 32.21
C SER A 66 11.68 5.76 32.91
N GLY A 67 12.69 4.94 33.13
CA GLY A 67 12.51 3.70 33.86
C GLY A 67 12.18 2.50 33.00
N TRP A 68 12.00 2.69 31.69
CA TRP A 68 11.58 1.62 30.78
C TRP A 68 12.70 1.04 29.93
N GLN A 69 13.95 1.35 30.30
CA GLN A 69 15.08 0.93 29.48
C GLN A 69 15.30 -0.57 29.44
N TYR A 70 14.73 -1.31 30.41
CA TYR A 70 14.88 -2.76 30.41
C TYR A 70 13.64 -3.53 29.98
N VAL A 71 12.62 -2.82 29.50
CA VAL A 71 11.42 -3.50 29.00
C VAL A 71 11.74 -4.05 27.60
N PRO A 72 11.62 -5.37 27.40
CA PRO A 72 11.92 -5.92 26.08
C PRO A 72 10.82 -5.63 25.07
N VAL A 73 11.21 -5.15 23.90
CA VAL A 73 10.24 -4.70 22.91
C VAL A 73 10.69 -5.12 21.54
N THR A 74 9.76 -5.50 20.68
CA THR A 74 10.14 -5.69 19.29
C THR A 74 8.99 -5.25 18.36
N CYS A 75 9.30 -5.04 17.09
CA CYS A 75 8.28 -4.51 16.19
C CYS A 75 7.98 -5.53 15.12
N MET A 76 6.85 -5.33 14.43
CA MET A 76 6.46 -6.23 13.35
CA MET A 76 6.47 -6.20 13.33
C MET A 76 5.57 -5.45 12.39
N GLN A 77 5.45 -5.93 11.16
CA GLN A 77 4.52 -5.33 10.22
C GLN A 77 3.09 -5.85 10.44
N GLU A 78 2.14 -4.91 10.53
CA GLU A 78 0.74 -5.26 10.58
C GLU A 78 0.35 -5.92 9.26
N MET A 79 -0.61 -6.84 9.32
CA MET A 79 -1.16 -7.41 8.11
C MET A 79 -1.78 -6.31 7.25
N ASP A 80 -1.54 -6.37 5.94
CA ASP A 80 -2.09 -5.40 4.98
C ASP A 80 -3.51 -5.82 4.54
N VAL A 81 -4.51 -5.08 5.03
CA VAL A 81 -5.89 -5.44 4.77
C VAL A 81 -6.56 -4.35 3.93
N THR A 82 -7.23 -4.78 2.86
CA THR A 82 -7.84 -3.84 1.93
C THR A 82 -8.90 -3.02 2.64
N GLY A 83 -8.81 -1.69 2.50
CA GLY A 83 -9.74 -0.81 3.16
C GLY A 83 -9.51 -0.68 4.65
N GLY A 84 -8.41 -1.23 5.14
CA GLY A 84 -8.05 -1.08 6.54
C GLY A 84 -7.59 0.34 6.87
N LEU A 85 -7.51 0.64 8.15
CA LEU A 85 -7.05 1.94 8.61
C LEU A 85 -5.59 2.15 8.22
N LYS A 86 -5.29 3.29 7.60
CA LYS A 86 -3.94 3.57 7.12
C LYS A 86 -3.10 4.21 8.22
N LYS A 87 -1.77 4.15 8.05
CA LYS A 87 -0.81 4.79 8.95
C LYS A 87 -1.12 4.55 10.42
N CYS A 88 -1.32 3.26 10.75
CA CYS A 88 -1.76 2.85 12.07
C CYS A 88 -0.64 2.13 12.82
N ILE A 89 -0.47 2.50 14.09
CA ILE A 89 0.48 1.88 14.99
C ILE A 89 -0.28 1.21 16.12
N VAL A 91 -0.09 -1.41 19.75
CA VAL A 91 0.72 -1.95 20.85
C VAL A 91 0.05 -3.17 21.45
N MET A 92 0.84 -4.19 21.78
CA MET A 92 0.36 -5.25 22.67
C MET A 92 1.34 -5.31 23.82
N MET A 93 0.90 -4.82 24.99
CA MET A 93 1.77 -4.74 26.17
C MET A 93 1.40 -5.84 27.17
N THR A 94 2.33 -6.75 27.44
CA THR A 94 2.01 -7.91 28.29
C THR A 94 2.46 -7.64 29.73
N VAL A 95 1.52 -7.69 30.67
CA VAL A 95 1.81 -7.26 32.05
C VAL A 95 1.36 -8.29 33.09
N GLN A 96 2.04 -8.29 34.23
CA GLN A 96 1.53 -8.97 35.41
C GLN A 96 0.57 -8.03 36.14
N THR A 97 -0.64 -8.51 36.43
CA THR A 97 -1.68 -7.66 37.04
C THR A 97 -2.77 -8.50 37.75
N ASP A 98 -3.40 -7.92 38.76
CA ASP A 98 -4.56 -8.51 39.43
C ASP A 98 -5.88 -8.15 38.74
N VAL A 99 -5.82 -7.20 37.80
CA VAL A 99 -7.03 -6.69 37.15
C VAL A 99 -7.66 -7.76 36.28
N PRO A 100 -8.97 -7.99 36.46
CA PRO A 100 -9.72 -8.94 35.63
C PRO A 100 -9.66 -8.56 34.15
N GLN A 101 -9.75 -9.56 33.28
CA GLN A 101 -9.68 -9.35 31.83
C GLN A 101 -10.68 -8.28 31.34
N GLU A 102 -11.91 -8.34 31.82
CA GLU A 102 -12.93 -7.42 31.34
C GLU A 102 -12.73 -5.99 31.87
N GLN A 103 -11.77 -5.82 32.79
CA GLN A 103 -11.51 -4.52 33.37
C GLN A 103 -10.20 -3.87 32.92
N ILE A 104 -9.43 -4.58 32.10
CA ILE A 104 -8.23 -4.00 31.50
C ILE A 104 -8.66 -2.83 30.61
N ARG A 105 -7.92 -1.71 30.66
CA ARG A 105 -8.28 -0.54 29.87
C ARG A 105 -7.45 -0.43 28.58
N HIS A 106 -8.03 -0.89 27.48
CA HIS A 106 -7.36 -0.79 26.18
C HIS A 106 -7.56 0.62 25.64
N VAL A 107 -6.60 1.13 24.87
CA VAL A 107 -6.55 2.54 24.52
C VAL A 107 -6.50 2.78 23.02
N TYR A 108 -7.46 3.57 22.52
CA TYR A 108 -7.53 3.88 21.09
C TYR A 108 -7.55 5.39 20.88
N LEU A 109 -6.55 5.90 20.17
CA LEU A 109 -6.39 7.35 20.00
C LEU A 109 -6.40 7.74 18.54
N GLU A 110 -6.51 9.05 18.30
CA GLU A 110 -6.51 9.62 16.95
C GLU A 110 -7.55 8.92 16.05
N LYS A 111 -7.16 8.52 14.85
CA LYS A 111 -8.13 7.93 13.93
C LYS A 111 -8.49 6.48 14.29
N ALA A 112 -7.76 5.90 15.23
CA ALA A 112 -7.99 4.51 15.64
C ALA A 112 -9.15 4.37 16.62
N VAL A 113 -9.80 5.47 16.96
CA VAL A 113 -10.93 5.39 17.87
C VAL A 113 -12.05 4.56 17.22
N VAL A 114 -12.02 4.47 15.90
CA VAL A 114 -13.04 3.70 15.17
C VAL A 114 -12.86 2.20 15.37
N LEU A 115 -11.69 1.82 15.89
CA LEU A 115 -11.42 0.43 16.20
C LEU A 115 -12.01 0.06 17.57
N ARG A 116 -12.15 1.05 18.45
CA ARG A 116 -12.71 0.83 19.78
C ARG A 116 -13.99 -0.02 19.75
N PRO A 117 -13.94 -1.20 20.36
CA PRO A 117 -15.09 -2.13 20.41
C PRO A 117 -15.97 -1.87 21.62
N MET B 1 5.39 -17.64 39.64
N MET B 1 5.28 -16.96 40.06
CA MET B 1 6.62 -17.02 39.13
CA MET B 1 6.49 -16.92 39.23
C MET B 1 6.36 -16.07 37.96
C MET B 1 6.30 -16.02 38.02
N MET B 2 7.12 -14.98 37.93
CA MET B 2 7.02 -14.00 36.85
C MET B 2 7.48 -14.57 35.51
N ILE B 3 7.02 -13.92 34.43
CA ILE B 3 7.39 -14.23 33.05
C ILE B 3 8.15 -13.04 32.50
N ARG B 4 9.18 -13.30 31.69
CA ARG B 4 10.01 -12.21 31.15
C ARG B 4 10.36 -12.47 29.70
N GLY B 5 10.37 -11.42 28.89
CA GLY B 5 10.85 -11.56 27.51
C GLY B 5 12.36 -11.44 27.43
N ILE B 6 13.00 -12.26 26.59
CA ILE B 6 14.44 -12.15 26.35
C ILE B 6 14.64 -11.86 24.87
N ARG B 7 15.33 -10.77 24.55
CA ARG B 7 15.51 -10.38 23.15
C ARG B 7 16.83 -10.87 22.58
N GLY B 8 16.83 -11.22 21.30
CA GLY B 8 18.07 -11.45 20.59
C GLY B 8 17.97 -10.88 19.19
N ALA B 9 19.12 -10.54 18.61
CA ALA B 9 19.15 -10.14 17.20
C ALA B 9 20.47 -10.56 16.57
N THR B 10 20.41 -10.86 15.28
CA THR B 10 21.60 -11.23 14.53
C THR B 10 21.38 -10.86 13.07
N THR B 11 22.39 -11.06 12.23
CA THR B 11 22.25 -10.80 10.80
C THR B 11 22.84 -11.95 9.98
N VAL B 12 22.46 -12.04 8.71
CA VAL B 12 23.11 -12.98 7.80
C VAL B 12 23.75 -12.19 6.67
N GLU B 13 24.70 -12.80 5.97
CA GLU B 13 25.37 -12.10 4.87
C GLU B 13 24.59 -12.21 3.58
N ARG B 14 23.82 -13.29 3.46
CA ARG B 14 23.02 -13.50 2.26
C ARG B 14 21.78 -14.31 2.58
N ASP B 15 20.77 -14.17 1.73
CA ASP B 15 19.49 -14.83 1.93
C ASP B 15 19.55 -16.29 1.47
N THR B 16 20.17 -17.14 2.28
CA THR B 16 20.24 -18.57 2.00
C THR B 16 19.79 -19.37 3.21
N GLU B 17 19.36 -20.60 2.96
CA GLU B 17 18.87 -21.44 4.04
C GLU B 17 19.99 -21.72 5.04
N GLU B 18 21.18 -22.04 4.53
CA GLU B 18 22.32 -22.35 5.39
C GLU B 18 22.64 -21.22 6.36
N GLU B 19 22.69 -20.00 5.84
CA GLU B 19 23.00 -18.83 6.65
C GLU B 19 21.90 -18.57 7.68
N ILE B 20 20.66 -18.61 7.23
CA ILE B 20 19.56 -18.28 8.14
C ILE B 20 19.47 -19.29 9.29
N LEU B 21 19.61 -20.57 8.98
CA LEU B 21 19.53 -21.59 10.01
C LEU B 21 20.71 -21.53 10.96
N GLN B 22 21.91 -21.41 10.41
CA GLN B 22 23.11 -21.38 11.24
C GLN B 22 23.11 -20.16 12.18
N LYS B 23 22.80 -18.99 11.64
CA LYS B 23 22.82 -17.77 12.44
C LYS B 23 21.70 -17.74 13.46
N THR B 24 20.52 -18.24 13.08
CA THR B 24 19.42 -18.31 14.04
C THR B 24 19.77 -19.28 15.18
N LYS B 25 20.24 -20.46 14.82
CA LYS B 25 20.64 -21.46 15.82
C LYS B 25 21.68 -20.89 16.79
N GLN B 26 22.67 -20.20 16.23
CA GLN B 26 23.75 -19.61 17.03
C GLN B 26 23.24 -18.56 18.01
N LEU B 27 22.31 -17.73 17.53
CA LEU B 27 21.67 -16.72 18.39
C LEU B 27 20.90 -17.38 19.52
N LEU B 28 20.15 -18.43 19.20
CA LEU B 28 19.38 -19.12 20.23
C LEU B 28 20.29 -19.76 21.27
N GLU B 29 21.34 -20.43 20.81
CA GLU B 29 22.25 -21.08 21.74
C GLU B 29 22.92 -20.09 22.68
N LYS B 30 23.22 -18.89 22.18
CA LYS B 30 23.86 -17.86 23.00
C LYS B 30 22.88 -17.34 24.06
N ILE B 31 21.62 -17.15 23.67
CA ILE B 31 20.59 -16.72 24.62
C ILE B 31 20.42 -17.77 25.72
N ILE B 32 20.39 -19.03 25.32
CA ILE B 32 20.29 -20.14 26.25
C ILE B 32 21.46 -20.18 27.24
N GLU B 33 22.67 -20.01 26.71
CA GLU B 33 23.87 -20.03 27.54
C GLU B 33 23.88 -18.89 28.56
N GLU B 34 23.52 -17.70 28.12
CA GLU B 34 23.65 -16.52 28.97
C GLU B 34 22.57 -16.46 30.05
N ASN B 35 21.42 -17.06 29.77
CA ASN B 35 20.28 -17.04 30.68
C ASN B 35 19.97 -18.38 31.32
N HIS B 36 20.75 -19.40 30.96
CA HIS B 36 20.59 -20.75 31.51
C HIS B 36 19.17 -21.28 31.31
N THR B 37 18.61 -21.00 30.15
CA THR B 37 17.21 -21.30 29.88
C THR B 37 16.97 -22.77 29.55
N LYS B 38 15.99 -23.35 30.22
CA LYS B 38 15.55 -24.71 29.93
C LYS B 38 14.26 -24.64 29.12
N PRO B 39 14.13 -25.52 28.11
CA PRO B 39 12.97 -25.44 27.21
C PRO B 39 11.62 -25.54 27.90
N GLU B 40 11.51 -26.32 28.97
CA GLU B 40 10.24 -26.45 29.67
C GLU B 40 9.77 -25.11 30.26
N ASP B 41 10.70 -24.18 30.46
CA ASP B 41 10.35 -22.90 31.07
C ASP B 41 10.04 -21.82 30.03
N VAL B 42 10.09 -22.20 28.76
CA VAL B 42 9.80 -21.25 27.69
C VAL B 42 8.32 -21.26 27.32
N VAL B 43 7.67 -20.13 27.52
CA VAL B 43 6.26 -19.99 27.21
C VAL B 43 6.02 -20.12 25.70
N GLN B 44 6.80 -19.36 24.93
CA GLN B 44 6.68 -19.33 23.47
C GLN B 44 7.82 -18.48 22.92
N MET B 45 8.05 -18.53 21.62
CA MET B 45 9.03 -17.64 20.99
C MET B 45 8.44 -17.00 19.75
N LEU B 46 8.82 -15.74 19.52
CA LEU B 46 8.48 -15.09 18.25
C LEU B 46 9.77 -14.78 17.51
N LEU B 47 9.81 -15.11 16.21
CA LEU B 47 10.95 -14.77 15.39
CA LEU B 47 10.96 -14.78 15.40
C LEU B 47 10.54 -13.84 14.27
N SER B 48 11.35 -12.82 14.01
CA SER B 48 11.05 -11.95 12.89
C SER B 48 12.22 -11.86 11.91
N ALA B 49 11.91 -11.57 10.66
CA ALA B 49 12.97 -11.30 9.69
C ALA B 49 12.63 -10.08 8.87
N THR B 50 13.63 -9.29 8.56
CA THR B 50 13.43 -8.18 7.64
C THR B 50 12.94 -8.69 6.27
N PRO B 51 12.23 -7.82 5.52
CA PRO B 51 11.59 -8.27 4.28
C PRO B 51 12.57 -8.51 3.12
N ASP B 52 13.86 -8.52 3.40
CA ASP B 52 14.87 -8.93 2.40
C ASP B 52 15.31 -10.39 2.57
N LEU B 53 14.69 -11.10 3.52
CA LEU B 53 14.99 -12.51 3.72
C LEU B 53 13.78 -13.40 3.41
N HIS B 54 13.96 -14.35 2.50
CA HIS B 54 12.84 -15.21 2.06
C HIS B 54 13.18 -16.70 1.96
N ALA B 55 14.43 -17.08 2.22
CA ALA B 55 14.89 -18.43 1.85
C ALA B 55 14.25 -19.53 2.69
N VAL B 56 14.03 -19.27 3.97
CA VAL B 56 13.54 -20.28 4.89
C VAL B 56 13.02 -19.57 6.14
N PHE B 57 12.09 -20.18 6.86
CA PHE B 57 11.64 -19.64 8.15
C PHE B 57 12.70 -19.86 9.20
N PRO B 58 13.11 -18.80 9.92
CA PRO B 58 14.12 -18.96 10.97
C PRO B 58 13.73 -19.99 12.04
N ALA B 59 12.42 -20.17 12.22
CA ALA B 59 11.92 -21.10 13.23
C ALA B 59 12.35 -22.54 12.99
N LYS B 60 12.72 -22.87 11.75
CA LYS B 60 13.19 -24.20 11.44
C LYS B 60 14.45 -24.53 12.24
N ALA B 61 15.21 -23.50 12.62
CA ALA B 61 16.42 -23.71 13.41
C ALA B 61 16.14 -24.19 14.82
N VAL B 62 14.93 -23.91 15.32
CA VAL B 62 14.60 -24.30 16.69
C VAL B 62 14.58 -25.82 16.85
N ARG B 63 14.17 -26.51 15.79
CA ARG B 63 14.10 -27.96 15.82
C ARG B 63 15.48 -28.61 15.81
N GLU B 64 16.52 -27.82 15.63
CA GLU B 64 17.88 -28.34 15.68
C GLU B 64 18.45 -28.32 17.09
N LEU B 65 17.69 -27.74 18.01
CA LEU B 65 18.06 -27.72 19.43
C LEU B 65 17.41 -28.90 20.12
N SER B 66 18.22 -29.86 20.57
CA SER B 66 17.70 -31.01 21.30
C SER B 66 16.90 -30.57 22.52
N GLY B 67 15.69 -31.10 22.65
CA GLY B 67 14.85 -30.81 23.80
C GLY B 67 13.82 -29.73 23.56
N TRP B 68 13.95 -29.01 22.45
CA TRP B 68 13.11 -27.84 22.20
C TRP B 68 11.97 -28.12 21.24
N GLN B 69 11.70 -29.39 20.95
CA GLN B 69 10.72 -29.72 19.92
C GLN B 69 9.29 -29.30 20.27
N TYR B 70 9.02 -29.09 21.56
CA TYR B 70 7.69 -28.69 22.02
C TYR B 70 7.56 -27.21 22.35
N VAL B 71 8.60 -26.44 22.10
CA VAL B 71 8.51 -24.99 22.33
C VAL B 71 7.73 -24.37 21.16
N PRO B 72 6.62 -23.67 21.46
CA PRO B 72 5.84 -23.08 20.36
C PRO B 72 6.48 -21.82 19.82
N VAL B 73 6.56 -21.73 18.50
CA VAL B 73 7.23 -20.63 17.86
CA VAL B 73 7.26 -20.65 17.84
C VAL B 73 6.45 -20.19 16.62
N THR B 74 6.48 -18.89 16.33
CA THR B 74 5.91 -18.45 15.07
C THR B 74 6.72 -17.31 14.54
N CYS B 75 6.63 -17.07 13.23
CA CYS B 75 7.48 -16.07 12.62
C CYS B 75 6.64 -14.91 12.13
N MET B 76 7.26 -13.75 11.97
CA MET B 76 6.56 -12.59 11.43
CA MET B 76 6.56 -12.58 11.46
C MET B 76 7.52 -11.74 10.63
N GLN B 77 6.96 -10.91 9.76
CA GLN B 77 7.78 -9.99 8.99
C GLN B 77 8.06 -8.74 9.81
N GLU B 78 9.34 -8.36 9.89
CA GLU B 78 9.72 -7.08 10.48
C GLU B 78 9.29 -5.91 9.58
N MET B 79 9.01 -4.74 10.18
CA MET B 79 8.74 -3.52 9.43
C MET B 79 9.91 -3.19 8.51
N ASP B 80 9.63 -2.54 7.38
CA ASP B 80 10.69 -2.01 6.55
C ASP B 80 10.91 -0.56 6.96
N VAL B 81 12.02 -0.31 7.67
CA VAL B 81 12.37 1.04 8.09
C VAL B 81 13.53 1.54 7.25
N THR B 82 13.36 2.74 6.71
CA THR B 82 14.39 3.35 5.89
C THR B 82 15.63 3.58 6.73
N GLY B 83 16.76 3.01 6.29
CA GLY B 83 17.99 3.11 7.04
C GLY B 83 18.06 2.10 8.18
N GLY B 84 17.09 1.19 8.22
CA GLY B 84 17.10 0.12 9.21
C GLY B 84 18.09 -0.97 8.85
N LEU B 85 18.54 -1.72 9.86
CA LEU B 85 19.52 -2.78 9.66
C LEU B 85 18.98 -3.85 8.69
N LYS B 86 19.78 -4.18 7.68
CA LYS B 86 19.37 -5.14 6.65
C LYS B 86 19.59 -6.60 7.07
N LYS B 87 18.83 -7.52 6.47
CA LYS B 87 19.08 -8.96 6.65
C LYS B 87 19.16 -9.37 8.12
N CYS B 88 18.20 -8.88 8.88
CA CYS B 88 18.24 -9.01 10.34
C CYS B 88 17.19 -9.98 10.82
N ILE B 89 17.57 -10.86 11.75
CA ILE B 89 16.66 -11.81 12.40
C ILE B 89 16.59 -11.49 13.90
N VAL B 91 14.59 -12.26 17.81
CA VAL B 91 13.82 -13.21 18.60
CA VAL B 91 13.78 -13.19 18.58
C VAL B 91 13.27 -12.53 19.84
N MET B 92 12.06 -12.89 20.23
CA MET B 92 11.54 -12.53 21.54
C MET B 92 11.17 -13.85 22.18
N MET B 93 11.98 -14.28 23.15
CA MET B 93 11.79 -15.54 23.86
C MET B 93 11.17 -15.28 25.21
N THR B 94 9.97 -15.80 25.44
CA THR B 94 9.22 -15.54 26.67
C THR B 94 9.45 -16.70 27.65
N VAL B 95 9.99 -16.40 28.83
CA VAL B 95 10.39 -17.45 29.78
C VAL B 95 9.85 -17.20 31.19
N GLN B 96 9.59 -18.26 31.95
CA GLN B 96 9.35 -18.06 33.38
C GLN B 96 10.70 -17.96 34.10
N THR B 97 10.83 -16.95 34.96
CA THR B 97 12.08 -16.66 35.66
C THR B 97 11.87 -15.67 36.79
N ASP B 98 12.72 -15.81 37.83
N ASP B 98 12.65 -15.74 37.87
CA ASP B 98 12.78 -14.91 38.97
CA ASP B 98 12.60 -14.66 38.84
C ASP B 98 13.81 -13.82 38.77
C ASP B 98 13.89 -13.86 38.83
N VAL B 99 14.62 -13.95 37.72
CA VAL B 99 15.72 -13.04 37.48
C VAL B 99 15.14 -11.65 37.22
N PRO B 100 15.65 -10.63 37.93
CA PRO B 100 15.11 -9.29 37.80
C PRO B 100 15.21 -8.78 36.37
N GLN B 101 14.27 -7.92 35.99
CA GLN B 101 14.20 -7.36 34.64
C GLN B 101 15.54 -6.81 34.15
N GLU B 102 16.22 -6.07 35.01
CA GLU B 102 17.48 -5.42 34.62
C GLU B 102 18.65 -6.40 34.54
N GLN B 103 18.46 -7.65 34.97
CA GLN B 103 19.53 -8.66 34.90
C GLN B 103 19.36 -9.67 33.77
N ILE B 104 18.23 -9.65 33.09
CA ILE B 104 18.03 -10.53 31.93
C ILE B 104 19.11 -10.23 30.89
N ARG B 105 19.66 -11.28 30.26
CA ARG B 105 20.75 -11.07 29.31
C ARG B 105 20.26 -11.13 27.87
N HIS B 106 20.03 -9.96 27.26
CA HIS B 106 19.62 -9.89 25.87
C HIS B 106 20.85 -9.95 24.97
N VAL B 107 20.71 -10.63 23.83
CA VAL B 107 21.85 -10.99 23.01
C VAL B 107 21.84 -10.36 21.61
N TYR B 108 22.92 -9.69 21.27
CA TYR B 108 23.08 -9.09 19.94
C TYR B 108 24.36 -9.59 19.28
N LEU B 109 24.21 -10.23 18.11
CA LEU B 109 25.33 -10.86 17.43
C LEU B 109 25.51 -10.32 16.02
N GLU B 110 26.68 -10.58 15.44
CA GLU B 110 26.97 -10.21 14.06
C GLU B 110 26.77 -8.71 13.87
N LYS B 111 26.05 -8.31 12.84
CA LYS B 111 25.94 -6.87 12.59
C LYS B 111 24.90 -6.18 13.45
N ALA B 112 24.15 -6.97 14.22
CA ALA B 112 23.12 -6.42 15.11
C ALA B 112 23.70 -5.89 16.42
N VAL B 113 25.02 -5.95 16.57
CA VAL B 113 25.64 -5.38 17.76
C VAL B 113 25.40 -3.88 17.84
N VAL B 114 25.00 -3.26 16.73
CA VAL B 114 24.72 -1.83 16.71
C VAL B 114 23.36 -1.51 17.33
N LEU B 115 22.52 -2.52 17.44
CA LEU B 115 21.20 -2.33 18.00
C LEU B 115 21.25 -2.23 19.51
N ARG B 116 22.28 -2.81 20.12
CA ARG B 116 22.36 -2.93 21.58
C ARG B 116 22.44 -1.57 22.30
N PRO B 117 21.70 -1.44 23.41
CA PRO B 117 21.72 -0.20 24.20
C PRO B 117 23.06 0.02 24.88
N MET C 1 0.33 -18.67 38.02
CA MET C 1 0.28 -19.89 37.24
C MET C 1 1.24 -19.75 36.05
N MET C 2 1.72 -20.88 35.54
CA MET C 2 2.53 -20.89 34.33
C MET C 2 1.68 -20.51 33.12
N ILE C 3 2.35 -20.03 32.07
CA ILE C 3 1.69 -19.58 30.87
C ILE C 3 2.31 -20.38 29.72
N ARG C 4 1.51 -20.75 28.72
CA ARG C 4 2.03 -21.51 27.58
C ARG C 4 1.44 -21.00 26.27
N GLY C 5 2.24 -21.03 25.21
CA GLY C 5 1.71 -20.74 23.89
C GLY C 5 1.04 -21.95 23.26
N ILE C 6 -0.10 -21.74 22.61
CA ILE C 6 -0.73 -22.78 21.79
C ILE C 6 -0.75 -22.33 20.33
N ARG C 7 -0.21 -23.17 19.46
CA ARG C 7 -0.13 -22.86 18.03
C ARG C 7 -1.29 -23.44 17.24
N GLY C 8 -1.75 -22.68 16.25
CA GLY C 8 -2.72 -23.18 15.30
C GLY C 8 -2.33 -22.70 13.91
N ALA C 9 -2.72 -23.46 12.90
CA ALA C 9 -2.55 -23.02 11.51
C ALA C 9 -3.64 -23.63 10.62
N THR C 10 -4.02 -22.89 9.59
CA THR C 10 -4.99 -23.38 8.63
C THR C 10 -4.78 -22.68 7.30
N THR C 11 -5.55 -23.07 6.28
CA THR C 11 -5.45 -22.38 5.00
C THR C 11 -6.83 -22.04 4.48
N VAL C 12 -6.89 -21.11 3.52
CA VAL C 12 -8.13 -20.81 2.82
C VAL C 12 -7.91 -21.02 1.34
N GLU C 13 -8.99 -21.27 0.60
CA GLU C 13 -8.87 -21.45 -0.84
C GLU C 13 -9.00 -20.12 -1.59
N ARG C 14 -9.78 -19.20 -1.03
CA ARG C 14 -10.00 -17.90 -1.68
C ARG C 14 -9.80 -16.79 -0.67
N ASP C 15 -9.27 -15.66 -1.15
CA ASP C 15 -9.12 -14.48 -0.30
C ASP C 15 -10.45 -13.70 -0.21
N THR C 16 -11.38 -14.22 0.58
CA THR C 16 -12.63 -13.52 0.85
C THR C 16 -12.83 -13.38 2.35
N GLU C 17 -13.56 -12.35 2.77
CA GLU C 17 -13.87 -12.20 4.19
C GLU C 17 -14.61 -13.43 4.72
N GLU C 18 -15.60 -13.91 3.96
CA GLU C 18 -16.36 -15.09 4.36
C GLU C 18 -15.45 -16.27 4.68
N GLU C 19 -14.52 -16.59 3.78
CA GLU C 19 -13.71 -17.79 4.01
C GLU C 19 -12.63 -17.62 5.06
N ILE C 20 -12.01 -16.45 5.07
CA ILE C 20 -11.02 -16.16 6.11
C ILE C 20 -11.65 -16.28 7.51
N LEU C 21 -12.83 -15.69 7.69
CA LEU C 21 -13.46 -15.75 9.01
C LEU C 21 -13.96 -17.15 9.35
N GLN C 22 -14.55 -17.84 8.37
CA GLN C 22 -15.02 -19.21 8.59
C GLN C 22 -13.88 -20.16 9.00
N LYS C 23 -12.81 -20.15 8.22
CA LYS C 23 -11.67 -21.01 8.54
C LYS C 23 -10.96 -20.62 9.84
N THR C 24 -10.81 -19.32 10.11
CA THR C 24 -10.21 -18.88 11.37
C THR C 24 -11.07 -19.31 12.55
N LYS C 25 -12.38 -19.15 12.43
CA LYS C 25 -13.26 -19.58 13.52
C LYS C 25 -13.16 -21.08 13.74
N GLN C 26 -13.12 -21.84 12.66
CA GLN C 26 -13.00 -23.29 12.77
C GLN C 26 -11.71 -23.69 13.48
N LEU C 27 -10.63 -22.99 13.18
CA LEU C 27 -9.34 -23.24 13.82
C LEU C 27 -9.39 -22.92 15.31
N LEU C 28 -9.94 -21.75 15.67
CA LEU C 28 -10.07 -21.36 17.08
C LEU C 28 -10.92 -22.37 17.86
N GLU C 29 -12.05 -22.76 17.29
CA GLU C 29 -12.95 -23.70 17.95
C GLU C 29 -12.24 -25.02 18.25
N LYS C 30 -11.45 -25.48 17.30
CA LYS C 30 -10.73 -26.74 17.49
C LYS C 30 -9.68 -26.60 18.59
N ILE C 31 -8.97 -25.47 18.62
CA ILE C 31 -7.99 -25.23 19.66
C ILE C 31 -8.66 -25.19 21.03
N ILE C 32 -9.80 -24.51 21.09
CA ILE C 32 -10.53 -24.36 22.35
C ILE C 32 -11.00 -25.71 22.88
N GLU C 33 -11.52 -26.54 21.98
CA GLU C 33 -12.01 -27.86 22.35
C GLU C 33 -10.90 -28.77 22.87
N GLU C 34 -9.80 -28.85 22.12
CA GLU C 34 -8.71 -29.76 22.46
C GLU C 34 -7.96 -29.34 23.71
N ASN C 35 -7.93 -28.05 23.98
CA ASN C 35 -7.20 -27.53 25.13
C ASN C 35 -8.08 -27.05 26.27
N HIS C 36 -9.39 -27.20 26.11
CA HIS C 36 -10.37 -26.85 27.15
C HIS C 36 -10.21 -25.40 27.63
N THR C 37 -9.96 -24.50 26.69
CA THR C 37 -9.56 -23.13 27.00
C THR C 37 -10.75 -22.26 27.34
N LYS C 38 -10.69 -21.58 28.48
CA LYS C 38 -11.69 -20.58 28.84
C LYS C 38 -11.12 -19.22 28.50
N PRO C 39 -11.95 -18.33 27.95
CA PRO C 39 -11.48 -17.01 27.49
C PRO C 39 -10.76 -16.21 28.58
N GLU C 40 -11.25 -16.24 29.83
CA GLU C 40 -10.58 -15.50 30.89
C GLU C 40 -9.13 -15.95 31.14
N ASP C 41 -8.79 -17.17 30.72
CA ASP C 41 -7.43 -17.67 30.96
C ASP C 41 -6.46 -17.33 29.82
N VAL C 42 -6.97 -16.68 28.77
CA VAL C 42 -6.12 -16.28 27.66
C VAL C 42 -5.46 -14.93 27.92
N VAL C 43 -4.13 -14.94 27.97
CA VAL C 43 -3.34 -13.74 28.16
C VAL C 43 -3.55 -12.78 26.99
N GLN C 44 -3.38 -13.30 25.79
CA GLN C 44 -3.46 -12.53 24.56
C GLN C 44 -3.33 -13.50 23.38
N MET C 45 -3.64 -13.02 22.19
CA MET C 45 -3.51 -13.86 20.99
CA MET C 45 -3.51 -13.86 21.00
C MET C 45 -2.89 -13.07 19.85
N LEU C 46 -2.07 -13.73 19.06
CA LEU C 46 -1.51 -13.12 17.85
C LEU C 46 -1.99 -13.95 16.69
N LEU C 47 -2.46 -13.29 15.64
CA LEU C 47 -2.83 -14.00 14.42
C LEU C 47 -2.01 -13.45 13.26
N SER C 48 -1.59 -14.33 12.36
CA SER C 48 -0.82 -13.87 11.21
C SER C 48 -1.42 -14.37 9.91
N ALA C 49 -1.11 -13.70 8.83
CA ALA C 49 -1.51 -14.20 7.52
C ALA C 49 -0.39 -13.98 6.53
N THR C 50 -0.28 -14.90 5.59
CA THR C 50 0.62 -14.74 4.46
C THR C 50 0.20 -13.54 3.60
N PRO C 51 1.15 -12.94 2.86
CA PRO C 51 0.85 -11.67 2.21
C PRO C 51 -0.04 -11.80 0.97
N ASP C 52 -0.59 -12.99 0.73
CA ASP C 52 -1.57 -13.19 -0.35
C ASP C 52 -3.01 -13.10 0.14
N LEU C 53 -3.18 -12.78 1.42
CA LEU C 53 -4.50 -12.61 1.99
C LEU C 53 -4.72 -11.17 2.45
N HIS C 54 -5.77 -10.53 1.95
CA HIS C 54 -6.01 -9.13 2.24
C HIS C 54 -7.45 -8.78 2.61
N ALA C 55 -8.38 -9.73 2.54
CA ALA C 55 -9.79 -9.38 2.60
C ALA C 55 -10.26 -8.86 3.95
N VAL C 56 -9.69 -9.41 5.03
CA VAL C 56 -10.16 -9.08 6.37
C VAL C 56 -9.09 -9.49 7.39
N PHE C 57 -9.09 -8.85 8.56
CA PHE C 57 -8.21 -9.29 9.65
C PHE C 57 -8.81 -10.55 10.24
N PRO C 58 -8.00 -11.62 10.36
CA PRO C 58 -8.58 -12.85 10.91
C PRO C 58 -9.11 -12.65 12.34
N ALA C 59 -8.61 -11.64 13.05
CA ALA C 59 -9.03 -11.41 14.43
C ALA C 59 -10.53 -11.13 14.55
N LYS C 60 -11.16 -10.75 13.44
CA LYS C 60 -12.57 -10.43 13.44
C LYS C 60 -13.39 -11.67 13.80
N ALA C 61 -12.83 -12.85 13.52
CA ALA C 61 -13.51 -14.09 13.83
C ALA C 61 -13.63 -14.35 15.34
N VAL C 62 -12.76 -13.73 16.11
CA VAL C 62 -12.76 -13.95 17.56
C VAL C 62 -14.09 -13.47 18.16
N ARG C 63 -14.67 -12.43 17.58
CA ARG C 63 -15.89 -11.84 18.09
C ARG C 63 -17.10 -12.73 17.87
N GLU C 64 -16.91 -13.77 17.05
CA GLU C 64 -17.99 -14.69 16.75
C GLU C 64 -18.05 -15.79 17.81
N LEU C 65 -17.09 -15.77 18.72
CA LEU C 65 -17.09 -16.70 19.84
C LEU C 65 -17.66 -16.06 21.10
N SER C 66 -18.79 -16.57 21.55
CA SER C 66 -19.44 -16.08 22.75
C SER C 66 -18.47 -16.07 23.94
N GLY C 67 -18.32 -14.91 24.56
CA GLY C 67 -17.53 -14.79 25.77
C GLY C 67 -16.09 -14.35 25.56
N TRP C 68 -15.69 -14.20 24.30
CA TRP C 68 -14.29 -13.88 23.99
C TRP C 68 -14.08 -12.38 23.67
N GLN C 69 -15.05 -11.54 24.01
CA GLN C 69 -14.97 -10.14 23.59
C GLN C 69 -13.86 -9.35 24.28
N TYR C 70 -13.34 -9.87 25.39
CA TYR C 70 -12.30 -9.15 26.12
C TYR C 70 -10.91 -9.73 25.92
N VAL C 71 -10.80 -10.72 25.06
CA VAL C 71 -9.50 -11.34 24.80
C VAL C 71 -8.70 -10.41 23.89
N PRO C 72 -7.52 -9.97 24.34
CA PRO C 72 -6.79 -9.03 23.48
C PRO C 72 -6.10 -9.74 22.33
N VAL C 73 -6.29 -9.20 21.13
CA VAL C 73 -5.79 -9.87 19.94
C VAL C 73 -5.18 -8.84 18.99
N THR C 74 -4.12 -9.23 18.30
CA THR C 74 -3.62 -8.38 17.23
C THR C 74 -3.08 -9.24 16.11
N CYS C 75 -2.97 -8.65 14.93
CA CYS C 75 -2.60 -9.40 13.74
C CYS C 75 -1.27 -8.91 13.22
N MET C 76 -0.58 -9.76 12.48
CA MET C 76 0.70 -9.39 11.88
CA MET C 76 0.70 -9.39 11.89
C MET C 76 0.85 -10.09 10.54
N GLN C 77 1.77 -9.59 9.73
CA GLN C 77 2.07 -10.23 8.46
C GLN C 77 3.08 -11.36 8.64
N GLU C 78 2.77 -12.54 8.13
CA GLU C 78 3.72 -13.63 8.12
C GLU C 78 4.86 -13.30 7.12
N MET C 79 6.06 -13.81 7.39
CA MET C 79 7.15 -13.76 6.43
C MET C 79 6.72 -14.33 5.09
N ASP C 80 7.20 -13.72 4.02
CA ASP C 80 6.98 -14.25 2.69
C ASP C 80 8.13 -15.20 2.38
N VAL C 81 7.92 -16.49 2.59
CA VAL C 81 9.00 -17.45 2.36
C VAL C 81 8.84 -18.14 1.01
N THR C 82 9.94 -18.14 0.27
CA THR C 82 10.02 -18.77 -1.04
C THR C 82 9.62 -20.24 -0.96
N GLY C 83 8.53 -20.58 -1.64
CA GLY C 83 8.01 -21.94 -1.63
C GLY C 83 7.19 -22.24 -0.38
N GLY C 84 7.00 -21.23 0.46
CA GLY C 84 6.25 -21.41 1.69
C GLY C 84 4.78 -21.71 1.40
N LEU C 85 4.09 -22.29 2.36
CA LEU C 85 2.68 -22.58 2.23
C LEU C 85 1.87 -21.31 1.97
N LYS C 86 1.05 -21.34 0.92
CA LYS C 86 0.28 -20.15 0.54
C LYS C 86 -1.05 -20.05 1.28
N LYS C 87 -1.62 -18.84 1.29
CA LYS C 87 -2.94 -18.59 1.87
C LYS C 87 -3.10 -19.19 3.26
N CYS C 88 -2.13 -18.90 4.14
CA CYS C 88 -2.05 -19.54 5.43
C CYS C 88 -2.30 -18.56 6.58
N ILE C 89 -3.14 -19.00 7.53
CA ILE C 89 -3.44 -18.21 8.71
C ILE C 89 -2.92 -18.95 9.93
N VAL C 91 -2.04 -18.91 14.32
CA VAL C 91 -2.43 -18.39 15.61
C VAL C 91 -1.37 -18.74 16.64
N MET C 92 -1.05 -17.79 17.51
CA MET C 92 -0.34 -18.08 18.75
C MET C 92 -1.22 -17.58 19.90
N MET C 93 -1.87 -18.52 20.59
CA MET C 93 -2.76 -18.23 21.69
C MET C 93 -2.01 -18.49 23.00
N THR C 94 -1.82 -17.44 23.79
CA THR C 94 -1.02 -17.54 25.02
C THR C 94 -1.97 -17.72 26.19
N VAL C 95 -1.85 -18.83 26.92
CA VAL C 95 -2.87 -19.15 27.93
C VAL C 95 -2.29 -19.48 29.29
N GLN C 96 -3.07 -19.25 30.33
CA GLN C 96 -2.67 -19.75 31.63
C GLN C 96 -3.14 -21.21 31.75
N THR C 97 -2.19 -22.09 32.03
CA THR C 97 -2.48 -23.51 32.08
C THR C 97 -1.39 -24.27 32.84
N ASP C 98 -1.80 -25.37 33.45
CA ASP C 98 -0.88 -26.24 34.15
C ASP C 98 -0.55 -27.49 33.32
N VAL C 99 -1.14 -27.58 32.13
CA VAL C 99 -0.81 -28.66 31.20
C VAL C 99 0.66 -28.55 30.81
N PRO C 100 1.41 -29.66 30.94
CA PRO C 100 2.83 -29.67 30.56
C PRO C 100 3.03 -29.35 29.08
N GLN C 101 4.20 -28.84 28.76
CA GLN C 101 4.53 -28.38 27.41
C GLN C 101 4.29 -29.45 26.34
N GLU C 102 4.66 -30.70 26.66
CA GLU C 102 4.56 -31.81 25.70
C GLU C 102 3.13 -32.24 25.46
N GLN C 103 2.21 -31.80 26.32
CA GLN C 103 0.82 -32.23 26.21
C GLN C 103 -0.11 -31.17 25.62
N ILE C 104 0.40 -29.95 25.44
CA ILE C 104 -0.39 -28.90 24.81
C ILE C 104 -0.79 -29.37 23.42
N ARG C 105 -2.05 -29.14 23.06
CA ARG C 105 -2.53 -29.63 21.77
C ARG C 105 -2.55 -28.54 20.71
N HIS C 106 -1.49 -28.50 19.90
CA HIS C 106 -1.42 -27.57 18.80
C HIS C 106 -2.22 -28.12 17.63
N VAL C 107 -2.85 -27.23 16.87
CA VAL C 107 -3.85 -27.63 15.88
C VAL C 107 -3.48 -27.17 14.48
N TYR C 108 -3.45 -28.12 13.55
CA TYR C 108 -3.11 -27.84 12.15
C TYR C 108 -4.22 -28.37 11.26
N LEU C 109 -4.87 -27.49 10.49
CA LEU C 109 -6.03 -27.91 9.69
C LEU C 109 -5.82 -27.60 8.23
N GLU C 110 -6.74 -28.15 7.42
CA GLU C 110 -6.75 -27.93 5.99
C GLU C 110 -5.39 -28.26 5.38
N LYS C 111 -4.85 -27.38 4.56
CA LYS C 111 -3.58 -27.67 3.92
C LYS C 111 -2.40 -27.42 4.84
N ALA C 112 -2.66 -26.87 6.03
CA ALA C 112 -1.59 -26.61 6.99
C ALA C 112 -1.16 -27.86 7.76
N VAL C 113 -1.79 -29.00 7.48
CA VAL C 113 -1.41 -30.25 8.16
C VAL C 113 0.05 -30.61 7.87
N VAL C 114 0.57 -30.09 6.75
CA VAL C 114 1.93 -30.38 6.32
C VAL C 114 2.99 -29.72 7.21
N LEU C 115 2.58 -28.77 8.05
CA LEU C 115 3.53 -27.92 8.76
C LEU C 115 4.38 -28.57 9.88
N ARG C 116 3.75 -29.28 10.80
CA ARG C 116 4.49 -29.89 11.92
C ARG C 116 4.24 -31.39 12.05
N PRO C 117 5.20 -32.14 12.66
CA PRO C 117 5.09 -33.59 12.77
C PRO C 117 3.85 -34.06 13.52
N MET D 1 -0.14 10.38 -41.19
CA MET D 1 0.41 10.97 -39.97
C MET D 1 -0.68 11.11 -38.90
N MET D 2 -0.62 10.24 -37.91
CA MET D 2 -1.66 10.07 -36.90
C MET D 2 -1.03 10.34 -35.52
N ILE D 3 -1.85 10.40 -34.48
CA ILE D 3 -1.38 10.51 -33.11
C ILE D 3 -1.53 9.14 -32.42
N ARG D 4 -0.48 8.67 -31.75
CA ARG D 4 -0.52 7.37 -31.08
C ARG D 4 0.13 7.40 -29.70
N GLY D 5 -0.37 6.59 -28.78
CA GLY D 5 0.27 6.48 -27.48
C GLY D 5 1.34 5.40 -27.48
N ILE D 6 2.45 5.69 -26.77
CA ILE D 6 3.50 4.70 -26.53
C ILE D 6 3.59 4.43 -25.04
N ARG D 7 3.51 3.14 -24.68
CA ARG D 7 3.53 2.75 -23.28
CA ARG D 7 3.53 2.75 -23.28
C ARG D 7 4.91 2.27 -22.83
N GLY D 8 5.23 2.54 -21.58
CA GLY D 8 6.45 2.03 -20.98
C GLY D 8 6.16 1.69 -19.53
N ALA D 9 6.88 0.72 -18.98
CA ALA D 9 6.76 0.45 -17.55
C ALA D 9 8.09 -0.05 -17.01
N THR D 10 8.36 0.26 -15.75
CA THR D 10 9.57 -0.27 -15.12
C THR D 10 9.36 -0.33 -13.62
N THR D 11 10.36 -0.82 -12.88
CA THR D 11 10.25 -0.88 -11.43
C THR D 11 11.54 -0.38 -10.74
N VAL D 12 11.40 0.01 -9.47
CA VAL D 12 12.56 0.32 -8.66
C VAL D 12 12.58 -0.59 -7.44
N GLU D 13 13.76 -0.84 -6.92
CA GLU D 13 13.91 -1.64 -5.71
C GLU D 13 13.70 -0.80 -4.46
N ARG D 14 14.08 0.48 -4.53
CA ARG D 14 13.94 1.37 -3.39
C ARG D 14 13.23 2.66 -3.73
N ASP D 15 12.53 3.22 -2.75
CA ASP D 15 11.88 4.51 -2.91
C ASP D 15 12.88 5.61 -2.60
N THR D 16 13.80 5.84 -3.54
CA THR D 16 14.81 6.88 -3.41
CA THR D 16 14.78 6.89 -3.41
C THR D 16 14.79 7.72 -4.68
N GLU D 17 15.18 8.99 -4.55
CA GLU D 17 15.18 9.86 -5.71
C GLU D 17 16.16 9.35 -6.77
N GLU D 18 17.32 8.89 -6.30
CA GLU D 18 18.36 8.42 -7.21
C GLU D 18 17.87 7.30 -8.12
N GLU D 19 17.21 6.29 -7.53
CA GLU D 19 16.75 5.15 -8.34
C GLU D 19 15.52 5.46 -9.18
N ILE D 20 14.59 6.23 -8.64
CA ILE D 20 13.41 6.61 -9.43
C ILE D 20 13.84 7.38 -10.69
N LEU D 21 14.73 8.35 -10.52
CA LEU D 21 15.20 9.09 -11.69
C LEU D 21 16.01 8.22 -12.65
N GLN D 22 16.88 7.36 -12.10
CA GLN D 22 17.71 6.48 -12.94
C GLN D 22 16.86 5.54 -13.80
N LYS D 23 15.92 4.83 -13.17
CA LYS D 23 15.09 3.88 -13.91
C LYS D 23 14.11 4.58 -14.86
N THR D 24 13.58 5.74 -14.45
CA THR D 24 12.68 6.50 -15.33
C THR D 24 13.44 6.97 -16.57
N LYS D 25 14.64 7.49 -16.37
CA LYS D 25 15.44 7.96 -17.49
C LYS D 25 15.74 6.80 -18.45
N GLN D 26 16.20 5.68 -17.88
CA GLN D 26 16.51 4.50 -18.69
CA GLN D 26 16.49 4.46 -18.63
C GLN D 26 15.31 4.03 -19.49
N LEU D 27 14.12 4.09 -18.89
CA LEU D 27 12.89 3.71 -19.58
C LEU D 27 12.57 4.69 -20.72
N LEU D 28 12.69 5.98 -20.43
CA LEU D 28 12.43 6.99 -21.46
C LEU D 28 13.43 6.83 -22.60
N GLU D 29 14.70 6.62 -22.28
CA GLU D 29 15.69 6.49 -23.34
C GLU D 29 15.42 5.29 -24.24
N LYS D 30 14.95 4.20 -23.66
CA LYS D 30 14.69 2.98 -24.43
C LYS D 30 13.49 3.20 -25.35
N ILE D 31 12.47 3.88 -24.84
CA ILE D 31 11.31 4.21 -25.66
C ILE D 31 11.71 5.10 -26.86
N ILE D 32 12.53 6.10 -26.58
CA ILE D 32 12.97 7.05 -27.61
C ILE D 32 13.79 6.35 -28.68
N GLU D 33 14.66 5.44 -28.25
CA GLU D 33 15.51 4.66 -29.16
C GLU D 33 14.68 3.73 -30.06
N GLU D 34 13.74 3.01 -29.47
CA GLU D 34 12.99 2.00 -30.20
C GLU D 34 12.00 2.65 -31.16
N ASN D 35 11.54 3.85 -30.81
CA ASN D 35 10.54 4.52 -31.62
C ASN D 35 11.05 5.73 -32.40
N HIS D 36 12.36 5.98 -32.31
CA HIS D 36 13.01 7.07 -33.03
C HIS D 36 12.36 8.42 -32.78
N THR D 37 11.91 8.63 -31.55
CA THR D 37 11.08 9.79 -31.21
C THR D 37 11.87 11.09 -31.09
N LYS D 38 11.37 12.16 -31.71
CA LYS D 38 11.95 13.50 -31.52
C LYS D 38 11.02 14.27 -30.58
N PRO D 39 11.60 15.08 -29.68
CA PRO D 39 10.75 15.75 -28.67
C PRO D 39 9.68 16.66 -29.27
N GLU D 40 9.96 17.32 -30.39
CA GLU D 40 8.95 18.19 -30.99
C GLU D 40 7.71 17.42 -31.45
N ASP D 41 7.81 16.11 -31.62
CA ASP D 41 6.65 15.34 -32.06
C ASP D 41 5.85 14.75 -30.90
N VAL D 42 6.27 15.07 -29.69
CA VAL D 42 5.56 14.60 -28.51
C VAL D 42 4.48 15.60 -28.12
N VAL D 43 3.23 15.15 -28.20
CA VAL D 43 2.09 15.96 -27.84
C VAL D 43 2.14 16.25 -26.35
N GLN D 44 2.35 15.20 -25.56
CA GLN D 44 2.36 15.29 -24.10
C GLN D 44 2.74 13.94 -23.55
N MET D 45 3.07 13.90 -22.26
CA MET D 45 3.41 12.64 -21.60
CA MET D 45 3.41 12.65 -21.61
C MET D 45 2.77 12.57 -20.23
N LEU D 46 2.33 11.38 -19.86
CA LEU D 46 1.82 11.15 -18.51
C LEU D 46 2.71 10.11 -17.87
N LEU D 47 3.14 10.36 -16.64
CA LEU D 47 3.90 9.39 -15.88
CA LEU D 47 3.87 9.37 -15.88
C LEU D 47 3.11 9.02 -14.63
N SER D 48 3.15 7.74 -14.24
CA SER D 48 2.44 7.32 -13.03
C SER D 48 3.35 6.51 -12.13
N ALA D 49 3.04 6.50 -10.84
CA ALA D 49 3.73 5.63 -9.89
C ALA D 49 2.71 5.00 -8.95
N THR D 50 2.99 3.78 -8.52
CA THR D 50 2.18 3.13 -7.50
C THR D 50 2.29 3.90 -6.20
N PRO D 51 1.30 3.75 -5.31
CA PRO D 51 1.26 4.61 -4.12
C PRO D 51 2.32 4.33 -3.06
N ASP D 52 3.28 3.47 -3.38
CA ASP D 52 4.37 3.16 -2.47
C ASP D 52 5.67 3.94 -2.80
N LEU D 53 5.58 4.87 -3.75
CA LEU D 53 6.73 5.66 -4.16
C LEU D 53 6.49 7.14 -3.89
N HIS D 54 7.37 7.76 -3.12
CA HIS D 54 7.15 9.13 -2.66
C HIS D 54 8.35 10.06 -2.79
N ALA D 55 9.49 9.51 -3.18
CA ALA D 55 10.74 10.26 -3.07
C ALA D 55 10.86 11.45 -4.02
N VAL D 56 10.28 11.33 -5.20
CA VAL D 56 10.44 12.34 -6.25
C VAL D 56 9.39 12.08 -7.36
N PHE D 57 9.00 13.12 -8.09
CA PHE D 57 8.17 12.93 -9.29
C PHE D 57 9.03 12.35 -10.40
N PRO D 58 8.56 11.26 -11.03
CA PRO D 58 9.35 10.66 -12.10
C PRO D 58 9.58 11.64 -13.25
N ALA D 59 8.70 12.62 -13.39
CA ALA D 59 8.82 13.59 -14.48
C ALA D 59 10.09 14.40 -14.42
N LYS D 60 10.73 14.44 -13.26
CA LYS D 60 11.98 15.17 -13.12
C LYS D 60 13.08 14.57 -14.01
N ALA D 61 12.97 13.28 -14.31
CA ALA D 61 13.94 12.63 -15.20
C ALA D 61 13.95 13.22 -16.61
N VAL D 62 12.82 13.76 -17.05
CA VAL D 62 12.72 14.35 -18.39
C VAL D 62 13.72 15.51 -18.53
N ARG D 63 14.00 16.19 -17.43
CA ARG D 63 14.98 17.27 -17.41
C ARG D 63 16.36 16.81 -17.84
N GLU D 64 16.61 15.51 -17.73
CA GLU D 64 17.93 14.96 -18.05
C GLU D 64 18.06 14.58 -19.52
N LEU D 65 16.96 14.70 -20.27
CA LEU D 65 16.97 14.42 -21.70
C LEU D 65 17.15 15.71 -22.49
N SER D 66 18.28 15.81 -23.18
CA SER D 66 18.58 17.02 -23.97
C SER D 66 17.51 17.30 -25.01
N GLY D 67 16.95 18.51 -24.96
CA GLY D 67 16.03 18.96 -25.98
C GLY D 67 14.58 18.70 -25.64
N TRP D 68 14.32 18.16 -24.45
CA TRP D 68 12.96 17.82 -24.04
C TRP D 68 12.34 18.83 -23.05
N GLN D 69 12.94 20.03 -22.96
CA GLN D 69 12.48 20.98 -21.95
C GLN D 69 11.09 21.56 -22.23
N TYR D 70 10.60 21.44 -23.46
CA TYR D 70 9.28 21.98 -23.79
C TYR D 70 8.22 20.88 -23.95
N VAL D 71 8.57 19.64 -23.64
CA VAL D 71 7.59 18.55 -23.70
C VAL D 71 6.72 18.63 -22.46
N PRO D 72 5.38 18.74 -22.64
CA PRO D 72 4.54 18.89 -21.44
C PRO D 72 4.32 17.53 -20.77
N VAL D 73 4.49 17.50 -19.46
CA VAL D 73 4.46 16.25 -18.72
C VAL D 73 3.74 16.47 -17.42
N THR D 74 2.97 15.48 -16.97
CA THR D 74 2.39 15.54 -15.65
C THR D 74 2.32 14.13 -15.06
N CYS D 75 2.24 14.04 -13.73
CA CYS D 75 2.28 12.76 -13.06
C CYS D 75 0.96 12.48 -12.39
N MET D 76 0.71 11.21 -12.08
CA MET D 76 -0.52 10.81 -11.41
CA MET D 76 -0.52 10.81 -11.41
C MET D 76 -0.25 9.56 -10.60
N GLN D 77 -1.14 9.24 -9.66
CA GLN D 77 -0.96 8.02 -8.89
C GLN D 77 -1.63 6.87 -9.62
N GLU D 78 -0.89 5.77 -9.75
CA GLU D 78 -1.43 4.55 -10.29
C GLU D 78 -2.49 3.96 -9.38
N MET D 79 -3.47 3.28 -9.97
CA MET D 79 -4.47 2.57 -9.20
C MET D 79 -3.79 1.54 -8.31
N ASP D 80 -4.24 1.43 -7.07
CA ASP D 80 -3.67 0.47 -6.13
C ASP D 80 -4.39 -0.88 -6.24
N VAL D 81 -3.74 -1.86 -6.85
CA VAL D 81 -4.38 -3.15 -7.08
C VAL D 81 -3.79 -4.26 -6.22
N THR D 82 -4.69 -5.00 -5.56
CA THR D 82 -4.30 -6.09 -4.71
C THR D 82 -3.50 -7.13 -5.49
N GLY D 83 -2.30 -7.43 -5.01
CA GLY D 83 -1.42 -8.37 -5.69
C GLY D 83 -0.74 -7.80 -6.91
N GLY D 84 -0.93 -6.50 -7.14
CA GLY D 84 -0.31 -5.84 -8.28
C GLY D 84 1.19 -5.65 -8.11
N LEU D 85 1.86 -5.34 -9.21
CA LEU D 85 3.29 -5.08 -9.19
C LEU D 85 3.61 -3.88 -8.29
N LYS D 86 4.49 -4.07 -7.32
CA LYS D 86 4.86 -2.99 -6.41
C LYS D 86 5.93 -2.08 -7.03
N LYS D 87 6.03 -0.86 -6.49
CA LYS D 87 7.07 0.11 -6.88
C LYS D 87 7.24 0.22 -8.40
N CYS D 88 6.11 0.43 -9.08
CA CYS D 88 6.06 0.44 -10.53
C CYS D 88 5.86 1.86 -11.07
N ILE D 89 6.62 2.19 -12.10
CA ILE D 89 6.49 3.48 -12.80
C ILE D 89 6.08 3.24 -14.24
N VAL D 91 4.73 5.01 -18.13
CA VAL D 91 4.77 6.16 -19.04
CA VAL D 91 4.67 6.20 -18.97
C VAL D 91 3.67 6.00 -20.09
N MET D 92 2.97 7.08 -20.44
CA MET D 92 2.14 7.11 -21.64
C MET D 92 2.61 8.31 -22.44
N MET D 93 3.34 8.06 -23.51
CA MET D 93 3.94 9.12 -24.31
C MET D 93 3.15 9.26 -25.60
N THR D 94 2.51 10.43 -25.81
CA THR D 94 1.62 10.62 -26.96
C THR D 94 2.38 11.32 -28.07
N VAL D 95 2.48 10.69 -29.24
CA VAL D 95 3.35 11.22 -30.30
C VAL D 95 2.65 11.30 -31.65
N GLN D 96 3.14 12.19 -32.52
CA GLN D 96 2.73 12.18 -33.92
C GLN D 96 3.66 11.25 -34.68
N THR D 97 3.09 10.31 -35.44
CA THR D 97 3.89 9.25 -36.07
C THR D 97 3.13 8.64 -37.26
N ASP D 98 3.88 8.07 -38.21
CA ASP D 98 3.31 7.34 -39.33
C ASP D 98 3.25 5.83 -39.04
N VAL D 99 3.84 5.43 -37.92
CA VAL D 99 3.93 4.01 -37.57
C VAL D 99 2.55 3.49 -37.21
N PRO D 100 2.13 2.36 -37.82
CA PRO D 100 0.83 1.78 -37.52
C PRO D 100 0.73 1.31 -36.08
N GLN D 101 -0.49 1.28 -35.54
CA GLN D 101 -0.72 0.95 -34.13
C GLN D 101 -0.03 -0.36 -33.73
N GLU D 102 -0.05 -1.36 -34.61
CA GLU D 102 0.47 -2.66 -34.26
C GLU D 102 1.99 -2.73 -34.31
N GLN D 103 2.62 -1.66 -34.78
CA GLN D 103 4.08 -1.63 -34.92
C GLN D 103 4.77 -0.67 -33.94
N ILE D 104 3.96 0.04 -33.15
CA ILE D 104 4.49 0.88 -32.09
C ILE D 104 5.23 -0.02 -31.08
N ARG D 105 6.40 0.44 -30.61
CA ARG D 105 7.24 -0.37 -29.73
C ARG D 105 7.08 0.03 -28.27
N HIS D 106 6.19 -0.65 -27.57
CA HIS D 106 5.99 -0.41 -26.14
C HIS D 106 7.12 -1.08 -25.35
N VAL D 107 7.51 -0.48 -24.24
CA VAL D 107 8.73 -0.90 -23.55
C VAL D 107 8.50 -1.33 -22.10
N TYR D 108 8.96 -2.53 -21.77
CA TYR D 108 8.83 -3.04 -20.40
C TYR D 108 10.16 -3.50 -19.84
N LEU D 109 10.58 -2.86 -18.76
CA LEU D 109 11.90 -3.11 -18.19
C LEU D 109 11.82 -3.57 -16.74
N GLU D 110 12.95 -4.07 -16.23
CA GLU D 110 13.06 -4.55 -14.85
C GLU D 110 11.97 -5.57 -14.49
N LYS D 111 11.28 -5.36 -13.37
CA LYS D 111 10.29 -6.34 -12.96
C LYS D 111 8.97 -6.21 -13.73
N ALA D 112 8.85 -5.13 -14.51
CA ALA D 112 7.65 -4.91 -15.32
C ALA D 112 7.65 -5.73 -16.61
N VAL D 113 8.69 -6.53 -16.84
CA VAL D 113 8.69 -7.39 -18.01
C VAL D 113 7.48 -8.35 -18.00
N VAL D 114 6.95 -8.65 -16.82
CA VAL D 114 5.80 -9.54 -16.71
C VAL D 114 4.53 -8.92 -17.26
N LEU D 115 4.56 -7.62 -17.53
CA LEU D 115 3.41 -6.91 -18.06
C LEU D 115 3.25 -7.07 -19.59
N ARG D 116 4.35 -7.37 -20.28
CA ARG D 116 4.32 -7.64 -21.72
C ARG D 116 3.23 -8.62 -22.14
N PRO D 117 2.52 -8.31 -23.23
CA PRO D 117 1.51 -9.23 -23.79
C PRO D 117 2.14 -10.32 -24.65
N MET E 1 -2.83 18.92 -38.97
N MET E 1 -3.50 18.92 -38.71
CA MET E 1 -2.81 19.81 -37.81
CA MET E 1 -2.88 19.84 -37.74
C MET E 1 -2.36 19.06 -36.56
C MET E 1 -2.38 19.08 -36.51
N MET E 2 -1.24 19.51 -36.00
CA MET E 2 -0.66 18.90 -34.81
C MET E 2 -1.51 19.14 -33.57
N ILE E 3 -1.31 18.28 -32.57
CA ILE E 3 -1.94 18.40 -31.26
C ILE E 3 -0.86 18.71 -30.23
N ARG E 4 -1.18 19.52 -29.21
CA ARG E 4 -0.19 19.88 -28.20
C ARG E 4 -0.82 19.93 -26.81
N GLY E 5 -0.10 19.47 -25.81
CA GLY E 5 -0.57 19.61 -24.44
C GLY E 5 -0.20 20.97 -23.88
N ILE E 6 -1.12 21.57 -23.11
CA ILE E 6 -0.86 22.86 -22.45
C ILE E 6 -1.02 22.62 -20.95
N ARG E 7 0.03 22.92 -20.20
CA ARG E 7 0.04 22.65 -18.76
C ARG E 7 -0.36 23.87 -17.97
N GLY E 8 -1.12 23.64 -16.90
CA GLY E 8 -1.38 24.66 -15.89
C GLY E 8 -1.20 24.09 -14.49
N ALA E 9 -0.80 24.95 -13.55
CA ALA E 9 -0.81 24.58 -12.13
C ALA E 9 -1.17 25.77 -11.24
N THR E 10 -1.86 25.47 -10.15
CA THR E 10 -2.21 26.49 -9.15
C THR E 10 -2.36 25.85 -7.78
N THR E 11 -2.63 26.66 -6.76
CA THR E 11 -2.79 26.11 -5.42
C THR E 11 -3.99 26.76 -4.74
N VAL E 12 -4.52 26.10 -3.72
CA VAL E 12 -5.55 26.69 -2.89
C VAL E 12 -5.03 26.82 -1.46
N GLU E 13 -5.61 27.73 -0.69
CA GLU E 13 -5.21 27.93 0.70
C GLU E 13 -5.88 26.91 1.61
N ARG E 14 -7.09 26.49 1.27
CA ARG E 14 -7.78 25.49 2.05
C ARG E 14 -8.66 24.59 1.18
N ASP E 15 -8.98 23.42 1.72
CA ASP E 15 -9.75 22.44 0.97
C ASP E 15 -11.25 22.77 1.03
N THR E 16 -11.68 23.77 0.26
CA THR E 16 -13.09 24.11 0.20
C THR E 16 -13.58 24.18 -1.23
N GLU E 17 -14.88 24.02 -1.42
CA GLU E 17 -15.43 24.06 -2.76
C GLU E 17 -15.20 25.42 -3.42
N GLU E 18 -15.45 26.47 -2.66
CA GLU E 18 -15.31 27.82 -3.20
C GLU E 18 -13.88 28.07 -3.71
N GLU E 19 -12.89 27.69 -2.93
CA GLU E 19 -11.49 27.95 -3.31
CA GLU E 19 -11.51 27.96 -3.31
C GLU E 19 -11.06 27.08 -4.48
N ILE E 20 -11.39 25.79 -4.43
CA ILE E 20 -11.04 24.89 -5.52
C ILE E 20 -11.66 25.35 -6.86
N LEU E 21 -12.94 25.68 -6.84
CA LEU E 21 -13.59 26.12 -8.08
C LEU E 21 -13.04 27.47 -8.59
N GLN E 22 -12.91 28.45 -7.69
CA GLN E 22 -12.39 29.76 -8.06
C GLN E 22 -10.98 29.70 -8.64
N LYS E 23 -10.09 28.97 -7.97
CA LYS E 23 -8.69 28.93 -8.42
C LYS E 23 -8.55 28.11 -9.69
N THR E 24 -9.35 27.04 -9.82
CA THR E 24 -9.32 26.24 -11.05
C THR E 24 -9.88 27.06 -12.20
N LYS E 25 -10.98 27.76 -11.95
CA LYS E 25 -11.55 28.61 -12.99
C LYS E 25 -10.52 29.65 -13.45
N GLN E 26 -9.87 30.30 -12.49
CA GLN E 26 -8.89 31.34 -12.78
C GLN E 26 -7.72 30.81 -13.62
N LEU E 27 -7.22 29.63 -13.27
CA LEU E 27 -6.17 28.97 -14.02
C LEU E 27 -6.61 28.68 -15.45
N LEU E 28 -7.78 28.08 -15.61
CA LEU E 28 -8.29 27.81 -16.96
C LEU E 28 -8.43 29.08 -17.79
N GLU E 29 -8.98 30.13 -17.19
CA GLU E 29 -9.20 31.37 -17.95
C GLU E 29 -7.87 31.94 -18.43
N LYS E 30 -6.83 31.80 -17.61
CA LYS E 30 -5.52 32.36 -17.96
C LYS E 30 -4.86 31.56 -19.09
N ILE E 31 -4.97 30.23 -19.03
CA ILE E 31 -4.49 29.38 -20.12
C ILE E 31 -5.20 29.75 -21.44
N ILE E 32 -6.51 29.92 -21.35
CA ILE E 32 -7.31 30.22 -22.52
C ILE E 32 -6.93 31.57 -23.13
N GLU E 33 -6.72 32.56 -22.28
CA GLU E 33 -6.36 33.90 -22.74
C GLU E 33 -4.98 33.90 -23.41
N GLU E 34 -4.03 33.22 -22.76
CA GLU E 34 -2.65 33.20 -23.24
CA GLU E 34 -2.65 33.22 -23.24
C GLU E 34 -2.48 32.47 -24.55
N ASN E 35 -3.28 31.42 -24.74
CA ASN E 35 -3.15 30.57 -25.92
C ASN E 35 -4.30 30.76 -26.92
N HIS E 36 -5.19 31.71 -26.63
CA HIS E 36 -6.33 32.02 -27.50
C HIS E 36 -7.15 30.78 -27.83
N THR E 37 -7.35 29.94 -26.84
CA THR E 37 -7.94 28.62 -27.06
C THR E 37 -9.45 28.63 -27.21
N LYS E 38 -9.93 27.97 -28.25
CA LYS E 38 -11.37 27.85 -28.49
C LYS E 38 -11.78 26.45 -28.12
N PRO E 39 -12.96 26.29 -27.49
CA PRO E 39 -13.32 24.97 -26.96
C PRO E 39 -13.43 23.85 -28.01
N GLU E 40 -13.84 24.19 -29.23
CA GLU E 40 -13.95 23.20 -30.30
C GLU E 40 -12.60 22.58 -30.65
N ASP E 41 -11.51 23.28 -30.32
CA ASP E 41 -10.17 22.80 -30.65
C ASP E 41 -9.54 21.99 -29.51
N VAL E 42 -10.29 21.83 -28.43
CA VAL E 42 -9.77 21.07 -27.29
C VAL E 42 -10.14 19.60 -27.41
N VAL E 43 -9.13 18.74 -27.48
CA VAL E 43 -9.34 17.30 -27.59
C VAL E 43 -9.97 16.80 -26.30
N GLN E 44 -9.34 17.18 -25.19
CA GLN E 44 -9.74 16.71 -23.88
C GLN E 44 -8.92 17.42 -22.82
N MET E 45 -9.32 17.28 -21.55
CA MET E 45 -8.54 17.85 -20.44
C MET E 45 -8.40 16.84 -19.32
N LEU E 46 -7.25 16.82 -18.66
CA LEU E 46 -7.08 16.06 -17.42
C LEU E 46 -6.75 17.03 -16.31
N LEU E 47 -7.43 16.89 -15.17
CA LEU E 47 -7.14 17.70 -14.00
C LEU E 47 -6.67 16.78 -12.89
N SER E 48 -5.75 17.24 -12.07
CA SER E 48 -5.32 16.44 -10.94
C SER E 48 -5.27 17.29 -9.69
N ALA E 49 -5.39 16.61 -8.55
CA ALA E 49 -5.26 17.28 -7.27
C ALA E 49 -4.39 16.44 -6.35
N THR E 50 -3.56 17.10 -5.55
CA THR E 50 -2.82 16.39 -4.52
C THR E 50 -3.79 15.78 -3.51
N PRO E 51 -3.34 14.74 -2.78
CA PRO E 51 -4.31 13.98 -1.96
C PRO E 51 -4.74 14.67 -0.68
N ASP E 52 -4.37 15.94 -0.52
CA ASP E 52 -4.90 16.76 0.59
C ASP E 52 -6.14 17.57 0.19
N LEU E 53 -6.60 17.39 -1.04
CA LEU E 53 -7.81 18.07 -1.52
C LEU E 53 -8.93 17.08 -1.82
N HIS E 54 -10.07 17.24 -1.14
CA HIS E 54 -11.21 16.32 -1.28
C HIS E 54 -12.57 17.00 -1.43
N ALA E 55 -12.62 18.33 -1.34
CA ALA E 55 -13.93 19.00 -1.23
C ALA E 55 -14.84 18.86 -2.44
N VAL E 56 -14.25 18.93 -3.64
CA VAL E 56 -15.02 18.94 -4.87
C VAL E 56 -14.09 18.54 -6.03
N PHE E 57 -14.62 18.00 -7.12
CA PHE E 57 -13.79 17.78 -8.32
C PHE E 57 -13.50 19.12 -8.99
N PRO E 58 -12.22 19.42 -9.29
CA PRO E 58 -11.92 20.69 -9.98
C PRO E 58 -12.62 20.79 -11.34
N ALA E 59 -12.99 19.65 -11.93
CA ALA E 59 -13.68 19.63 -13.22
C ALA E 59 -14.99 20.40 -13.19
N LYS E 60 -15.57 20.56 -12.01
CA LYS E 60 -16.82 21.29 -11.89
C LYS E 60 -16.67 22.74 -12.34
N ALA E 61 -15.45 23.27 -12.27
CA ALA E 61 -15.15 24.63 -12.71
C ALA E 61 -15.28 24.83 -14.21
N VAL E 62 -15.06 23.77 -14.98
CA VAL E 62 -15.18 23.84 -16.44
C VAL E 62 -16.58 24.26 -16.84
N ARG E 63 -17.58 23.88 -16.04
CA ARG E 63 -18.97 24.24 -16.35
C ARG E 63 -19.26 25.72 -16.20
N GLU E 64 -18.31 26.46 -15.62
CA GLU E 64 -18.48 27.89 -15.47
C GLU E 64 -17.88 28.66 -16.65
N LEU E 65 -17.36 27.90 -17.62
CA LEU E 65 -16.82 28.49 -18.83
C LEU E 65 -17.83 28.35 -19.96
N SER E 66 -18.40 29.47 -20.39
CA SER E 66 -19.38 29.46 -21.44
C SER E 66 -18.81 28.84 -22.71
N GLY E 67 -19.54 27.88 -23.28
CA GLY E 67 -19.14 27.27 -24.53
C GLY E 67 -18.32 26.00 -24.36
N TRP E 68 -17.92 25.71 -23.13
CA TRP E 68 -17.04 24.58 -22.86
C TRP E 68 -17.77 23.34 -22.36
N GLN E 69 -19.09 23.32 -22.51
CA GLN E 69 -19.90 22.23 -21.97
C GLN E 69 -19.68 20.88 -22.66
N TYR E 70 -19.04 20.88 -23.83
CA TYR E 70 -18.79 19.64 -24.55
C TYR E 70 -17.34 19.18 -24.49
N VAL E 71 -16.49 19.93 -23.80
CA VAL E 71 -15.09 19.51 -23.66
C VAL E 71 -14.99 18.38 -22.63
N PRO E 72 -14.47 17.22 -23.04
CA PRO E 72 -14.42 16.08 -22.11
C PRO E 72 -13.28 16.23 -21.11
N VAL E 73 -13.61 15.98 -19.85
CA VAL E 73 -12.66 16.19 -18.77
CA VAL E 73 -12.67 16.21 -18.75
C VAL E 73 -12.77 15.07 -17.74
N THR E 74 -11.65 14.69 -17.16
CA THR E 74 -11.72 13.75 -16.06
C THR E 74 -10.64 14.12 -15.07
N CYS E 75 -10.79 13.67 -13.83
CA CYS E 75 -9.86 14.07 -12.79
C CYS E 75 -9.09 12.86 -12.30
N MET E 76 -7.90 13.11 -11.77
CA MET E 76 -7.08 12.04 -11.21
CA MET E 76 -7.10 12.03 -11.20
C MET E 76 -6.35 12.52 -9.97
N GLN E 77 -5.86 11.56 -9.17
CA GLN E 77 -5.08 11.91 -7.99
CA GLN E 77 -5.07 11.86 -7.98
C GLN E 77 -3.59 12.06 -8.34
N GLU E 78 -3.01 13.16 -7.86
CA GLU E 78 -1.59 13.40 -8.04
C GLU E 78 -0.82 12.53 -7.05
N MET E 79 0.41 12.15 -7.37
CA MET E 79 1.28 11.45 -6.42
C MET E 79 1.48 12.25 -5.15
N ASP E 80 1.74 11.55 -4.05
CA ASP E 80 2.13 12.19 -2.82
C ASP E 80 3.65 12.14 -2.78
N VAL E 81 4.30 13.26 -3.03
CA VAL E 81 5.75 13.31 -3.01
C VAL E 81 6.22 14.09 -1.79
N THR E 82 7.20 13.53 -1.08
CA THR E 82 7.74 14.17 0.10
C THR E 82 8.40 15.50 -0.26
N GLY E 83 7.99 16.56 0.42
CA GLY E 83 8.47 17.89 0.09
C GLY E 83 7.78 18.46 -1.14
N GLY E 84 6.81 17.73 -1.68
CA GLY E 84 6.07 18.17 -2.85
C GLY E 84 5.16 19.35 -2.52
N LEU E 85 4.83 20.16 -3.51
CA LEU E 85 3.92 21.30 -3.30
C LEU E 85 2.56 20.81 -2.80
N LYS E 86 2.08 21.36 -1.68
CA LYS E 86 0.79 20.95 -1.13
C LYS E 86 -0.39 21.67 -1.79
N LYS E 87 -1.59 21.09 -1.64
CA LYS E 87 -2.85 21.69 -2.08
C LYS E 87 -2.75 22.21 -3.50
N CYS E 88 -2.28 21.35 -4.39
CA CYS E 88 -1.96 21.75 -5.76
C CYS E 88 -2.90 21.11 -6.80
N ILE E 89 -3.42 21.95 -7.70
CA ILE E 89 -4.27 21.52 -8.81
C ILE E 89 -3.52 21.72 -10.12
N VAL E 91 -3.43 21.03 -14.53
CA VAL E 91 -4.22 20.86 -15.74
C VAL E 91 -3.32 20.38 -16.86
N MET E 92 -3.78 19.39 -17.63
CA MET E 92 -3.20 19.10 -18.93
C MET E 92 -4.31 19.23 -19.99
N MET E 93 -4.25 20.32 -20.75
CA MET E 93 -5.27 20.63 -21.75
C MET E 93 -4.71 20.33 -23.13
N THR E 94 -5.34 19.40 -23.83
CA THR E 94 -4.82 18.90 -25.10
C THR E 94 -5.54 19.61 -26.25
N VAL E 95 -4.80 20.33 -27.09
CA VAL E 95 -5.44 21.20 -28.09
C VAL E 95 -4.85 21.02 -29.48
N GLN E 96 -5.67 21.16 -30.52
CA GLN E 96 -5.11 21.22 -31.87
C GLN E 96 -4.59 22.64 -32.13
N THR E 97 -3.36 22.73 -32.62
CA THR E 97 -2.68 24.00 -32.83
C THR E 97 -1.41 23.82 -33.66
N ASP E 98 -1.06 24.88 -34.39
N ASP E 98 -1.04 24.80 -34.48
CA ASP E 98 0.13 24.99 -35.22
CA ASP E 98 0.27 24.73 -35.13
C ASP E 98 1.28 25.59 -34.45
C ASP E 98 1.24 25.75 -34.53
N VAL E 99 0.95 26.19 -33.32
CA VAL E 99 1.92 26.92 -32.53
C VAL E 99 3.05 25.96 -32.15
N PRO E 100 4.30 26.36 -32.41
CA PRO E 100 5.44 25.50 -32.12
C PRO E 100 5.52 25.16 -30.65
N GLN E 101 6.04 23.97 -30.37
CA GLN E 101 6.10 23.44 -29.01
C GLN E 101 6.71 24.44 -28.03
N GLU E 102 7.77 25.12 -28.45
CA GLU E 102 8.49 26.04 -27.57
C GLU E 102 7.76 27.37 -27.35
N GLN E 103 6.67 27.59 -28.08
CA GLN E 103 5.90 28.84 -27.97
C GLN E 103 4.56 28.65 -27.23
N ILE E 104 4.22 27.40 -26.92
CA ILE E 104 3.01 27.14 -26.16
C ILE E 104 3.12 27.84 -24.80
N ARG E 105 2.03 28.45 -24.35
CA ARG E 105 2.06 29.22 -23.11
C ARG E 105 1.51 28.43 -21.91
N HIS E 106 2.42 27.83 -21.13
CA HIS E 106 2.00 27.11 -19.95
C HIS E 106 1.89 28.10 -18.78
N VAL E 107 0.98 27.81 -17.86
CA VAL E 107 0.56 28.79 -16.87
C VAL E 107 0.70 28.26 -15.46
N TYR E 108 1.39 29.01 -14.62
CA TYR E 108 1.61 28.65 -13.22
C TYR E 108 1.18 29.82 -12.33
N LEU E 109 0.20 29.57 -11.48
CA LEU E 109 -0.38 30.64 -10.66
C LEU E 109 -0.23 30.33 -9.18
N GLU E 110 -0.48 31.36 -8.36
CA GLU E 110 -0.49 31.19 -6.91
C GLU E 110 0.83 30.58 -6.44
N LYS E 111 0.79 29.59 -5.54
CA LYS E 111 2.07 29.07 -5.03
C LYS E 111 2.78 28.14 -6.00
N ALA E 112 2.08 27.80 -7.08
CA ALA E 112 2.64 26.91 -8.09
C ALA E 112 3.64 27.61 -9.02
N VAL E 113 3.87 28.90 -8.83
CA VAL E 113 4.88 29.58 -9.62
C VAL E 113 6.28 28.97 -9.43
N VAL E 114 6.50 28.27 -8.31
CA VAL E 114 7.79 27.62 -8.06
C VAL E 114 8.03 26.42 -8.96
N LEU E 115 6.98 25.95 -9.63
CA LEU E 115 7.11 24.79 -10.48
C LEU E 115 7.70 25.18 -11.84
N ARG E 116 7.42 26.40 -12.30
CA ARG E 116 7.81 26.81 -13.64
C ARG E 116 9.33 26.82 -13.86
N PRO E 117 9.79 26.28 -14.99
CA PRO E 117 11.22 26.20 -15.29
C PRO E 117 11.85 27.58 -15.45
N MET F 1 -5.59 16.38 -38.71
CA MET F 1 -6.49 15.24 -38.51
C MET F 1 -6.96 15.16 -37.07
N MET F 2 -8.20 15.57 -36.82
CA MET F 2 -8.66 15.84 -35.46
C MET F 2 -8.83 14.63 -34.56
N ILE F 3 -8.60 14.88 -33.29
CA ILE F 3 -8.63 13.88 -32.25
C ILE F 3 -9.57 14.39 -31.17
N ARG F 4 -10.37 13.50 -30.59
CA ARG F 4 -11.32 13.90 -29.55
C ARG F 4 -11.41 12.89 -28.42
N GLY F 5 -11.65 13.35 -27.21
CA GLY F 5 -11.85 12.44 -26.10
C GLY F 5 -13.30 11.99 -26.00
N ILE F 6 -13.49 10.70 -25.70
CA ILE F 6 -14.81 10.17 -25.44
C ILE F 6 -14.82 9.68 -24.00
N ARG F 7 -15.77 10.15 -23.21
CA ARG F 7 -15.87 9.80 -21.79
CA ARG F 7 -15.77 9.69 -21.84
C ARG F 7 -16.87 8.69 -21.53
N GLY F 8 -16.57 7.84 -20.56
CA GLY F 8 -17.51 6.85 -20.09
C GLY F 8 -17.40 6.77 -18.59
N ALA F 9 -18.49 6.39 -17.95
CA ALA F 9 -18.49 6.14 -16.51
C ALA F 9 -19.46 5.02 -16.18
N THR F 10 -19.11 4.22 -15.20
CA THR F 10 -20.00 3.20 -14.71
C THR F 10 -19.66 2.88 -13.25
N THR F 11 -20.44 1.99 -12.64
CA THR F 11 -20.18 1.59 -11.26
C THR F 11 -20.27 0.08 -11.11
N VAL F 12 -19.66 -0.42 -10.04
CA VAL F 12 -19.79 -1.83 -9.70
C VAL F 12 -20.44 -1.97 -8.33
N GLU F 13 -21.07 -3.11 -8.07
CA GLU F 13 -21.68 -3.34 -6.77
C GLU F 13 -20.66 -3.82 -5.75
N ARG F 14 -19.65 -4.53 -6.23
CA ARG F 14 -18.67 -5.14 -5.34
C ARG F 14 -17.29 -5.01 -5.94
N ASP F 15 -16.29 -4.99 -5.07
CA ASP F 15 -14.89 -4.98 -5.50
C ASP F 15 -14.41 -6.42 -5.75
N THR F 16 -14.77 -6.96 -6.91
CA THR F 16 -14.31 -8.27 -7.33
C THR F 16 -13.81 -8.17 -8.76
N GLU F 17 -12.89 -9.05 -9.15
CA GLU F 17 -12.36 -9.00 -10.51
C GLU F 17 -13.48 -9.25 -11.52
N GLU F 18 -14.35 -10.20 -11.19
CA GLU F 18 -15.45 -10.55 -12.08
C GLU F 18 -16.34 -9.34 -12.37
N GLU F 19 -16.72 -8.61 -11.33
CA GLU F 19 -17.61 -7.48 -11.54
CA GLU F 19 -17.62 -7.47 -11.50
C GLU F 19 -16.92 -6.29 -12.17
N ILE F 20 -15.67 -6.03 -11.78
CA ILE F 20 -14.93 -4.93 -12.41
C ILE F 20 -14.74 -5.18 -13.91
N LEU F 21 -14.41 -6.41 -14.30
CA LEU F 21 -14.19 -6.69 -15.71
C LEU F 21 -15.51 -6.67 -16.48
N GLN F 22 -16.57 -7.24 -15.88
CA GLN F 22 -17.85 -7.27 -16.56
C GLN F 22 -18.37 -5.88 -16.84
N LYS F 23 -18.41 -5.02 -15.83
CA LYS F 23 -18.91 -3.66 -16.01
C LYS F 23 -18.02 -2.80 -16.92
N THR F 24 -16.70 -2.93 -16.81
CA THR F 24 -15.79 -2.20 -17.68
C THR F 24 -15.99 -2.62 -19.14
N LYS F 25 -16.12 -3.92 -19.39
CA LYS F 25 -16.35 -4.40 -20.75
C LYS F 25 -17.66 -3.84 -21.30
N GLN F 26 -18.71 -3.90 -20.49
CA GLN F 26 -20.01 -3.38 -20.91
C GLN F 26 -19.94 -1.89 -21.25
N LEU F 27 -19.17 -1.13 -20.47
CA LEU F 27 -19.00 0.30 -20.73
C LEU F 27 -18.26 0.54 -22.05
N LEU F 28 -17.18 -0.20 -22.26
CA LEU F 28 -16.40 -0.02 -23.49
C LEU F 28 -17.23 -0.40 -24.71
N GLU F 29 -17.93 -1.53 -24.62
CA GLU F 29 -18.75 -1.98 -25.74
C GLU F 29 -19.82 -0.95 -26.10
N LYS F 30 -20.38 -0.29 -25.09
CA LYS F 30 -21.41 0.71 -25.34
C LYS F 30 -20.79 1.95 -26.00
N ILE F 31 -19.63 2.38 -25.52
CA ILE F 31 -18.94 3.50 -26.15
C ILE F 31 -18.63 3.17 -27.61
N ILE F 32 -18.17 1.94 -27.84
CA ILE F 32 -17.87 1.50 -29.19
C ILE F 32 -19.11 1.48 -30.09
N GLU F 33 -20.21 0.95 -29.56
CA GLU F 33 -21.48 0.92 -30.28
C GLU F 33 -21.95 2.32 -30.66
N GLU F 34 -21.91 3.22 -29.70
CA GLU F 34 -22.48 4.56 -29.89
C GLU F 34 -21.65 5.48 -30.78
N ASN F 35 -20.35 5.23 -30.82
CA ASN F 35 -19.43 6.10 -31.56
C ASN F 35 -18.81 5.43 -32.78
N HIS F 36 -19.16 4.17 -33.00
CA HIS F 36 -18.69 3.40 -34.15
C HIS F 36 -17.17 3.34 -34.21
N THR F 37 -16.56 3.20 -33.04
CA THR F 37 -15.11 3.31 -32.89
C THR F 37 -14.38 2.03 -33.31
N LYS F 38 -13.38 2.20 -34.15
CA LYS F 38 -12.51 1.11 -34.57
C LYS F 38 -11.22 1.23 -33.79
N PRO F 39 -10.66 0.10 -33.33
CA PRO F 39 -9.50 0.14 -32.45
C PRO F 39 -8.29 0.86 -33.06
N GLU F 40 -8.05 0.70 -34.35
CA GLU F 40 -6.90 1.36 -34.98
C GLU F 40 -7.00 2.88 -34.92
N ASP F 41 -8.20 3.41 -34.66
CA ASP F 41 -8.37 4.86 -34.59
C ASP F 41 -8.23 5.40 -33.17
N VAL F 42 -8.01 4.52 -32.21
CA VAL F 42 -7.84 4.94 -30.82
C VAL F 42 -6.37 5.28 -30.55
N VAL F 43 -6.12 6.55 -30.23
CA VAL F 43 -4.79 7.01 -29.87
C VAL F 43 -4.29 6.30 -28.62
N GLN F 44 -5.13 6.35 -27.57
CA GLN F 44 -4.81 5.76 -26.27
C GLN F 44 -6.05 5.87 -25.41
N MET F 45 -6.04 5.17 -24.28
CA MET F 45 -7.16 5.24 -23.33
CA MET F 45 -7.16 5.25 -23.34
C MET F 45 -6.64 5.36 -21.92
N LEU F 46 -7.36 6.09 -21.09
CA LEU F 46 -7.07 6.16 -19.66
C LEU F 46 -8.28 5.62 -18.93
N LEU F 47 -8.06 4.72 -17.98
CA LEU F 47 -9.15 4.24 -17.12
C LEU F 47 -8.81 4.64 -15.69
N SER F 48 -9.82 5.04 -14.93
CA SER F 48 -9.59 5.35 -13.53
C SER F 48 -10.58 4.60 -12.66
N ALA F 49 -10.22 4.44 -11.39
CA ALA F 49 -11.15 3.89 -10.41
C ALA F 49 -11.05 4.68 -9.12
N THR F 50 -12.17 4.79 -8.44
CA THR F 50 -12.18 5.34 -7.09
C THR F 50 -11.35 4.46 -6.17
N PRO F 51 -10.82 5.05 -5.10
CA PRO F 51 -9.89 4.31 -4.25
C PRO F 51 -10.54 3.21 -3.37
N ASP F 52 -11.80 2.88 -3.64
CA ASP F 52 -12.46 1.76 -2.98
C ASP F 52 -12.46 0.47 -3.82
N LEU F 53 -11.85 0.53 -4.98
CA LEU F 53 -11.75 -0.63 -5.87
C LEU F 53 -10.29 -1.04 -6.02
N HIS F 54 -10.02 -2.33 -5.83
CA HIS F 54 -8.65 -2.83 -5.81
C HIS F 54 -8.47 -4.19 -6.46
N ALA F 55 -9.56 -4.84 -6.88
CA ALA F 55 -9.47 -6.26 -7.21
C ALA F 55 -8.67 -6.54 -8.49
N VAL F 56 -8.74 -5.62 -9.44
CA VAL F 56 -8.07 -5.82 -10.72
C VAL F 56 -7.98 -4.48 -11.46
N PHE F 57 -7.03 -4.34 -12.36
CA PHE F 57 -7.01 -3.15 -13.22
C PHE F 57 -8.16 -3.26 -14.23
N PRO F 58 -8.97 -2.20 -14.38
CA PRO F 58 -10.06 -2.29 -15.35
C PRO F 58 -9.55 -2.50 -16.77
N ALA F 59 -8.30 -2.12 -17.03
CA ALA F 59 -7.73 -2.27 -18.37
C ALA F 59 -7.64 -3.73 -18.81
N LYS F 60 -7.70 -4.66 -17.86
CA LYS F 60 -7.65 -6.07 -18.22
C LYS F 60 -8.84 -6.44 -19.10
N ALA F 61 -9.94 -5.69 -18.95
CA ALA F 61 -11.14 -5.92 -19.75
C ALA F 61 -10.94 -5.67 -21.23
N VAL F 62 -10.00 -4.78 -21.56
CA VAL F 62 -9.74 -4.43 -22.96
C VAL F 62 -9.31 -5.65 -23.78
N ARG F 63 -8.66 -6.61 -23.10
CA ARG F 63 -8.21 -7.84 -23.75
C ARG F 63 -9.38 -8.72 -24.19
N GLU F 64 -10.55 -8.49 -23.59
CA GLU F 64 -11.73 -9.28 -23.93
C GLU F 64 -12.45 -8.70 -25.14
N LEU F 65 -11.91 -7.59 -25.66
CA LEU F 65 -12.40 -7.00 -26.90
C LEU F 65 -11.50 -7.41 -28.05
N SER F 66 -12.02 -8.25 -28.94
CA SER F 66 -11.25 -8.68 -30.11
C SER F 66 -10.81 -7.51 -30.99
N GLY F 67 -9.54 -7.52 -31.36
CA GLY F 67 -8.99 -6.49 -32.22
C GLY F 67 -8.39 -5.29 -31.48
N TRP F 68 -8.49 -5.29 -30.15
CA TRP F 68 -8.06 -4.14 -29.36
C TRP F 68 -6.74 -4.38 -28.63
N GLN F 69 -6.02 -5.43 -29.02
CA GLN F 69 -4.83 -5.81 -28.28
C GLN F 69 -3.67 -4.81 -28.40
N TYR F 70 -3.71 -3.91 -29.38
CA TYR F 70 -2.61 -2.96 -29.56
C TYR F 70 -2.94 -1.53 -29.10
N VAL F 71 -4.14 -1.36 -28.54
CA VAL F 71 -4.59 -0.06 -28.07
C VAL F 71 -3.91 0.22 -26.74
N PRO F 72 -3.14 1.32 -26.67
CA PRO F 72 -2.38 1.54 -25.43
C PRO F 72 -3.30 2.08 -24.35
N VAL F 73 -3.18 1.53 -23.16
CA VAL F 73 -4.07 1.87 -22.07
CA VAL F 73 -4.06 1.89 -22.07
C VAL F 73 -3.30 1.95 -20.76
N THR F 74 -3.68 2.88 -19.90
CA THR F 74 -3.10 2.90 -18.56
C THR F 74 -4.16 3.26 -17.54
N CYS F 75 -3.93 2.90 -16.28
CA CYS F 75 -4.95 3.12 -15.27
C CYS F 75 -4.44 4.11 -14.25
N MET F 76 -5.36 4.84 -13.63
CA MET F 76 -4.97 5.78 -12.59
CA MET F 76 -4.97 5.80 -12.60
C MET F 76 -6.00 5.79 -11.50
N GLN F 77 -5.65 6.33 -10.35
CA GLN F 77 -6.63 6.46 -9.28
C GLN F 77 -7.42 7.75 -9.48
N GLU F 78 -8.74 7.65 -9.40
CA GLU F 78 -9.58 8.83 -9.39
C GLU F 78 -9.34 9.63 -8.11
N MET F 79 -9.43 10.94 -8.23
CA MET F 79 -9.41 11.80 -7.07
C MET F 79 -10.47 11.36 -6.05
N ASP F 80 -10.09 11.34 -4.77
CA ASP F 80 -11.00 10.99 -3.68
C ASP F 80 -11.78 12.21 -3.21
N VAL F 81 -13.03 12.30 -3.62
CA VAL F 81 -13.88 13.44 -3.29
C VAL F 81 -14.92 13.10 -2.24
N THR F 82 -15.02 13.97 -1.24
CA THR F 82 -15.94 13.81 -0.13
C THR F 82 -17.37 13.79 -0.65
N GLY F 83 -18.05 12.67 -0.47
CA GLY F 83 -19.42 12.52 -0.93
C GLY F 83 -19.52 12.11 -2.39
N GLY F 84 -18.38 11.90 -3.04
CA GLY F 84 -18.37 11.51 -4.44
C GLY F 84 -19.02 10.15 -4.68
N LEU F 85 -19.35 9.87 -5.93
CA LEU F 85 -19.89 8.56 -6.28
C LEU F 85 -18.88 7.47 -5.96
N LYS F 86 -19.32 6.44 -5.24
CA LYS F 86 -18.42 5.34 -4.87
C LYS F 86 -18.37 4.23 -5.92
N LYS F 87 -17.34 3.40 -5.81
CA LYS F 87 -17.15 2.25 -6.70
C LYS F 87 -17.36 2.58 -8.17
N CYS F 88 -16.68 3.64 -8.60
CA CYS F 88 -16.89 4.20 -9.93
C CYS F 88 -15.69 3.96 -10.84
N ILE F 89 -15.96 3.50 -12.06
CA ILE F 89 -14.91 3.33 -13.07
C ILE F 89 -15.16 4.31 -14.20
N VAL F 91 -13.64 6.19 -17.99
CA VAL F 91 -12.84 6.00 -19.18
C VAL F 91 -12.65 7.34 -19.88
N MET F 92 -11.42 7.61 -20.33
CA MET F 92 -11.18 8.66 -21.31
C MET F 92 -10.54 7.98 -22.51
N MET F 93 -11.33 7.80 -23.56
CA MET F 93 -10.87 7.16 -24.79
C MET F 93 -10.60 8.22 -25.85
N THR F 94 -9.34 8.38 -26.23
CA THR F 94 -8.93 9.42 -27.18
C THR F 94 -8.90 8.84 -28.57
N VAL F 95 -9.67 9.41 -29.49
CA VAL F 95 -9.85 8.80 -30.82
C VAL F 95 -9.65 9.76 -31.97
N GLN F 96 -9.23 9.23 -33.13
CA GLN F 96 -9.28 10.01 -34.36
C GLN F 96 -10.71 9.95 -34.90
N THR F 97 -11.35 11.10 -35.04
CA THR F 97 -12.72 11.15 -35.52
C THR F 97 -13.03 12.51 -36.13
N ASP F 98 -13.96 12.53 -37.07
CA ASP F 98 -14.42 13.77 -37.67
C ASP F 98 -15.78 14.18 -37.12
N VAL F 99 -16.31 13.39 -36.17
CA VAL F 99 -17.54 13.74 -35.50
C VAL F 99 -17.33 15.01 -34.66
N PRO F 100 -18.21 16.01 -34.84
CA PRO F 100 -18.08 17.27 -34.10
C PRO F 100 -18.18 17.05 -32.59
N GLN F 101 -17.54 17.94 -31.83
CA GLN F 101 -17.46 17.82 -30.38
C GLN F 101 -18.83 17.63 -29.71
N GLU F 102 -19.83 18.36 -30.19
CA GLU F 102 -21.17 18.31 -29.61
C GLU F 102 -21.95 17.01 -29.93
N GLN F 103 -21.45 16.22 -30.87
CA GLN F 103 -22.15 15.00 -31.25
C GLN F 103 -21.45 13.73 -30.77
N ILE F 104 -20.26 13.88 -30.18
CA ILE F 104 -19.60 12.75 -29.54
C ILE F 104 -20.54 12.18 -28.48
N ARG F 105 -20.69 10.86 -28.47
CA ARG F 105 -21.62 10.24 -27.53
C ARG F 105 -20.91 9.71 -26.29
N HIS F 106 -20.95 10.48 -25.22
CA HIS F 106 -20.35 10.02 -23.98
C HIS F 106 -21.35 9.12 -23.27
N VAL F 107 -20.84 8.13 -22.55
CA VAL F 107 -21.69 7.07 -22.02
C VAL F 107 -21.65 6.96 -20.50
N TYR F 108 -22.82 6.97 -19.88
CA TYR F 108 -22.94 6.87 -18.44
C TYR F 108 -23.88 5.73 -18.07
N LEU F 109 -23.35 4.73 -17.37
CA LEU F 109 -24.09 3.49 -17.10
C LEU F 109 -24.24 3.23 -15.61
N GLU F 110 -25.14 2.32 -15.27
CA GLU F 110 -25.37 1.92 -13.88
C GLU F 110 -25.65 3.14 -13.00
N LYS F 111 -25.01 3.21 -11.84
CA LYS F 111 -25.26 4.32 -10.92
C LYS F 111 -24.56 5.62 -11.32
N ALA F 112 -23.75 5.55 -12.39
CA ALA F 112 -23.07 6.74 -12.88
C ALA F 112 -23.97 7.59 -13.76
N VAL F 113 -25.24 7.20 -13.92
CA VAL F 113 -26.18 8.00 -14.69
C VAL F 113 -26.35 9.38 -14.06
N VAL F 114 -26.13 9.46 -12.75
CA VAL F 114 -26.24 10.71 -12.00
C VAL F 114 -25.16 11.73 -12.42
N LEU F 115 -24.13 11.24 -13.11
CA LEU F 115 -23.04 12.09 -13.57
C LEU F 115 -23.39 12.75 -14.91
N ARG F 116 -24.47 12.28 -15.54
CA ARG F 116 -24.92 12.86 -16.80
C ARG F 116 -25.31 14.33 -16.65
N PRO F 117 -24.70 15.20 -17.48
CA PRO F 117 -25.01 16.63 -17.49
C PRO F 117 -26.42 16.92 -18.02
#